data_2D7D
#
_entry.id   2D7D
#
_cell.length_a   74.231
_cell.length_b   98.215
_cell.length_c   95.405
_cell.angle_alpha   90.00
_cell.angle_beta   90.00
_cell.angle_gamma   90.00
#
_symmetry.space_group_name_H-M   'P 21 21 21'
#
loop_
_entity.id
_entity.type
_entity.pdbx_description
1 polymer "5'-D(P*TP*TP*T)-3'"
2 polymer 'UvrABC system protein B'
3 polymer '40-mer from UvrABC system protein B'
4 non-polymer "ADENOSINE-5'-DIPHOSPHATE"
5 water water
#
loop_
_entity_poly.entity_id
_entity_poly.type
_entity_poly.pdbx_seq_one_letter_code
_entity_poly.pdbx_strand_id
1 'polydeoxyribonucleotide' (DT)(DT)(DT) D
2 'polypeptide(L)'
;MKDRFELVSKYQPQGDQPKAIEKLVKGIQEGKKHQTLLGATGTGKTFTVSNLIKEVNKPTLVIAHNKTLAGQLYSEFKEF
FPNNAVEYFVSYYDYYQPEAYVPQTDTFIEKDASINDEIDKLRHSATSALFERRDVIIIASVSCIYGLGSPEEYREMVVS
LRTEMEIERNELLRKLVDIQYARNDIDFQRGTFRVRGDVVEIFPASRDEHCVRVEFFGDEIERIREVDALTGEILGDRDH
VAIFPASHFVTRAEKMEKAIQNIEKELEEQLKVMHENGKLLEAQRLEQRTRYDLEMMREMGFCSGIENYSRHLTLRPPGS
TPYTLLDYFPDDFMIVVDESHVTIPQVRGMFNGDQARKQVLVDHGFRLPSALDNRPLRFEEFEKHMHNIVYVSATPGPYE
IEHTDEMVEQIIRPTGLLDPLIDVRPIEGQIDDLIGEIQARIERNERVLVTTLTKKMSEDLTDYLKEIGIKVNYLHSEIK
TLERIEIIRDLRLGKYDVLVGINLLREGLDIPEVSLVAILDADKEGFLRSERSLIQTIGRAARNAEGRVIMYADKITKSM
EIAINETKRRREQQERFNEEHGITPKTINKEIRDVIRATVAAEDKAEYKTKAAPKLSKMTKKERQKVVEQMEHEMKEAAK
ALDFERAAELRDLLLELKAEG
;
A
3 'polypeptide(L)' KERQKVVEQMEHEMKEAAKALDFERAAELRDLLLELKAEG B
#
# COMPACT_ATOMS: atom_id res chain seq x y z
N ASP B 3 -22.65 8.77 13.79
CA ASP B 3 -21.58 8.06 12.98
C ASP B 3 -20.13 8.00 13.58
N ARG B 4 -19.99 8.09 14.91
CA ARG B 4 -18.66 8.08 15.56
C ARG B 4 -17.73 6.89 15.28
N PHE B 5 -16.43 7.14 15.26
CA PHE B 5 -15.41 6.09 15.33
C PHE B 5 -15.37 5.51 16.75
N GLU B 6 -15.29 4.17 16.83
CA GLU B 6 -15.15 3.46 18.09
C GLU B 6 -13.81 2.72 18.07
N LEU B 7 -12.83 3.25 18.82
CA LEU B 7 -11.48 2.70 18.83
C LEU B 7 -11.33 1.48 19.76
N VAL B 8 -11.05 0.33 19.18
CA VAL B 8 -10.92 -0.90 19.95
C VAL B 8 -9.43 -1.29 20.00
N SER B 9 -8.89 -1.43 21.21
CA SER B 9 -7.49 -1.82 21.41
C SER B 9 -7.26 -2.43 22.80
N LYS B 10 -6.26 -3.31 22.90
CA LYS B 10 -5.76 -3.73 24.20
C LYS B 10 -4.93 -2.65 24.92
N TYR B 11 -4.69 -1.51 24.26
CA TYR B 11 -3.79 -0.44 24.75
C TYR B 11 -4.48 0.76 25.38
N GLN B 12 -3.76 1.49 26.22
CA GLN B 12 -4.15 2.86 26.59
C GLN B 12 -2.99 3.77 26.17
N PRO B 13 -3.27 5.03 25.77
CA PRO B 13 -2.13 5.92 25.51
C PRO B 13 -1.09 5.96 26.65
N GLN B 14 0.18 5.78 26.26
CA GLN B 14 1.31 5.71 27.21
C GLN B 14 2.39 6.69 26.77
N GLY B 15 3.32 7.00 27.65
CA GLY B 15 4.51 7.74 27.25
C GLY B 15 4.08 9.15 26.94
N ASP B 16 4.48 9.68 25.79
CA ASP B 16 4.08 11.04 25.42
C ASP B 16 3.04 11.00 24.31
N GLN B 17 2.37 9.85 24.17
CA GLN B 17 1.23 9.72 23.24
C GLN B 17 0.07 10.63 23.61
N PRO B 18 -0.30 10.71 24.91
CA PRO B 18 -1.39 11.60 25.28
C PRO B 18 -1.14 13.03 24.84
N LYS B 19 0.05 13.56 25.09
CA LYS B 19 0.41 14.91 24.69
C LYS B 19 0.43 15.11 23.16
N ALA B 20 1.03 14.16 22.44
CA ALA B 20 0.96 14.18 20.95
C ALA B 20 -0.46 14.20 20.42
N ILE B 21 -1.31 13.31 20.94
CA ILE B 21 -2.75 13.31 20.57
C ILE B 21 -3.43 14.66 20.89
N GLU B 22 -3.28 15.13 22.12
CA GLU B 22 -3.81 16.44 22.50
C GLU B 22 -3.44 17.52 21.47
N LYS B 23 -2.16 17.65 21.20
CA LYS B 23 -1.70 18.72 20.32
C LYS B 23 -2.24 18.65 18.88
N LEU B 24 -2.34 17.44 18.34
CA LEU B 24 -2.75 17.19 16.99
C LEU B 24 -4.24 17.48 16.84
N VAL B 25 -5.03 17.05 17.82
CA VAL B 25 -6.46 17.36 17.88
C VAL B 25 -6.69 18.87 17.99
N LYS B 26 -5.98 19.53 18.91
CA LYS B 26 -6.07 20.99 19.03
C LYS B 26 -5.65 21.71 17.77
N GLY B 27 -4.55 21.26 17.15
CA GLY B 27 -4.21 21.69 15.79
C GLY B 27 -5.33 21.61 14.77
N ILE B 28 -6.12 20.53 14.73
CA ILE B 28 -7.27 20.48 13.80
C ILE B 28 -8.37 21.47 14.25
N GLN B 29 -8.60 21.56 15.56
CA GLN B 29 -9.57 22.52 16.09
C GLN B 29 -9.18 23.95 15.73
N GLU B 30 -7.88 24.22 15.71
CA GLU B 30 -7.38 25.51 15.20
C GLU B 30 -7.37 25.64 13.67
N GLY B 31 -7.94 24.66 12.97
CA GLY B 31 -8.04 24.72 11.51
C GLY B 31 -6.69 24.78 10.82
N LYS B 32 -5.65 24.29 11.49
CA LYS B 32 -4.32 24.14 10.91
C LYS B 32 -4.34 23.17 9.74
N LYS B 33 -4.08 23.66 8.53
CA LYS B 33 -4.03 22.80 7.34
C LYS B 33 -2.92 21.75 7.41
N HIS B 34 -1.70 22.15 7.76
CA HIS B 34 -0.56 21.21 7.81
C HIS B 34 -0.06 21.00 9.22
N GLN B 35 0.08 19.75 9.62
CA GLN B 35 0.76 19.42 10.87
C GLN B 35 1.62 18.21 10.61
N THR B 36 2.65 18.06 11.45
CA THR B 36 3.56 16.96 11.38
C THR B 36 3.70 16.32 12.76
N LEU B 37 3.53 15.00 12.77
CA LEU B 37 3.78 14.21 13.94
C LEU B 37 5.22 13.71 13.80
N LEU B 38 6.10 14.27 14.61
CA LEU B 38 7.50 13.87 14.63
C LEU B 38 7.71 12.72 15.61
N GLY B 39 7.27 11.52 15.20
CA GLY B 39 7.45 10.34 16.08
C GLY B 39 8.69 9.51 15.79
N ALA B 40 9.52 9.27 16.81
CA ALA B 40 10.70 8.47 16.65
C ALA B 40 10.20 7.06 16.41
N THR B 41 10.95 6.26 15.69
CA THR B 41 10.52 4.88 15.40
C THR B 41 10.24 4.07 16.65
N GLY B 42 9.10 3.40 16.64
CA GLY B 42 8.73 2.47 17.69
C GLY B 42 7.98 3.10 18.83
N THR B 43 7.49 4.33 18.63
CA THR B 43 6.72 5.06 19.62
C THR B 43 5.22 4.75 19.53
N GLY B 44 4.82 3.93 18.58
CA GLY B 44 3.40 3.66 18.33
C GLY B 44 2.72 4.80 17.60
N LYS B 45 3.33 5.28 16.52
CA LYS B 45 2.70 6.39 15.76
C LYS B 45 1.37 5.98 15.17
N THR B 46 1.24 4.71 14.77
CA THR B 46 -0.05 4.27 14.26
C THR B 46 -1.18 4.24 15.32
N PHE B 47 -0.88 3.85 16.56
CA PHE B 47 -1.84 4.06 17.67
C PHE B 47 -2.14 5.55 17.90
N THR B 48 -1.12 6.40 17.83
CA THR B 48 -1.37 7.84 17.99
C THR B 48 -2.39 8.30 16.94
N VAL B 49 -2.22 7.90 15.68
CA VAL B 49 -3.11 8.31 14.60
C VAL B 49 -4.52 7.77 14.79
N SER B 50 -4.65 6.50 15.18
CA SER B 50 -5.94 5.94 15.60
C SER B 50 -6.66 6.84 16.56
N ASN B 51 -5.96 7.28 17.61
CA ASN B 51 -6.56 8.16 18.58
C ASN B 51 -6.96 9.50 17.98
N LEU B 52 -6.12 10.03 17.08
CA LEU B 52 -6.42 11.31 16.42
C LEU B 52 -7.71 11.12 15.62
N ILE B 53 -7.73 10.08 14.80
CA ILE B 53 -8.91 9.76 13.98
C ILE B 53 -10.22 9.69 14.77
N LYS B 54 -10.22 8.95 15.88
CA LYS B 54 -11.37 8.89 16.80
C LYS B 54 -11.83 10.28 17.32
N GLU B 55 -10.89 11.10 17.75
CA GLU B 55 -11.25 12.40 18.36
C GLU B 55 -11.76 13.43 17.37
N VAL B 56 -11.15 13.52 16.20
CA VAL B 56 -11.57 14.54 15.21
C VAL B 56 -12.85 14.08 14.50
N ASN B 57 -12.98 12.76 14.33
CA ASN B 57 -14.19 12.16 13.77
C ASN B 57 -14.61 12.69 12.37
N LYS B 58 -13.64 12.72 11.45
CA LYS B 58 -13.89 12.95 10.02
C LYS B 58 -13.52 11.71 9.21
N PRO B 59 -14.10 11.56 8.01
CA PRO B 59 -13.66 10.56 7.05
C PRO B 59 -12.18 10.84 6.82
N THR B 60 -11.38 9.78 6.83
CA THR B 60 -9.94 9.96 6.74
C THR B 60 -9.24 9.08 5.69
N LEU B 61 -8.28 9.68 5.02
CA LEU B 61 -7.47 9.03 4.00
C LEU B 61 -6.06 8.86 4.49
N VAL B 62 -5.59 7.61 4.56
CA VAL B 62 -4.23 7.37 5.02
C VAL B 62 -3.39 6.93 3.81
N ILE B 63 -2.43 7.77 3.43
CA ILE B 63 -1.61 7.46 2.27
C ILE B 63 -0.27 6.84 2.64
N ALA B 64 0.02 5.69 2.02
CA ALA B 64 1.26 4.94 2.32
C ALA B 64 2.11 4.74 1.07
N HIS B 65 3.44 4.63 1.22
CA HIS B 65 4.32 4.67 0.03
C HIS B 65 4.62 3.33 -0.65
N ASN B 66 4.17 2.24 -0.04
CA ASN B 66 4.29 0.94 -0.70
C ASN B 66 3.15 0.08 -0.18
N LYS B 67 2.77 -0.93 -0.95
CA LYS B 67 1.52 -1.65 -0.71
C LYS B 67 1.64 -2.68 0.38
N THR B 68 2.86 -3.11 0.65
CA THR B 68 3.18 -3.89 1.83
C THR B 68 2.82 -3.13 3.12
N LEU B 69 3.27 -1.87 3.23
CA LEU B 69 2.95 -1.06 4.40
C LEU B 69 1.46 -0.69 4.38
N ALA B 70 0.91 -0.41 3.20
CA ALA B 70 -0.55 -0.14 3.12
C ALA B 70 -1.35 -1.34 3.65
N GLY B 71 -0.99 -2.57 3.25
CA GLY B 71 -1.67 -3.77 3.76
C GLY B 71 -1.52 -3.89 5.26
N GLN B 72 -0.32 -3.57 5.73
CA GLN B 72 0.06 -3.60 7.13
C GLN B 72 -0.75 -2.61 8.00
N LEU B 73 -0.92 -1.38 7.49
CA LEU B 73 -1.81 -0.40 8.13
C LEU B 73 -3.27 -0.88 8.12
N TYR B 74 -3.71 -1.43 6.99
CA TYR B 74 -5.09 -1.84 6.80
C TYR B 74 -5.48 -2.94 7.82
N SER B 75 -4.64 -3.97 7.93
CA SER B 75 -4.86 -5.04 8.92
C SER B 75 -5.05 -4.44 10.30
N GLU B 76 -4.25 -3.45 10.65
CA GLU B 76 -4.18 -2.87 12.01
C GLU B 76 -5.36 -1.95 12.30
N PHE B 77 -5.77 -1.22 11.28
CA PHE B 77 -6.90 -0.29 11.40
C PHE B 77 -8.27 -1.00 11.46
N LYS B 78 -8.36 -2.15 10.78
CA LYS B 78 -9.52 -3.03 10.89
C LYS B 78 -9.72 -3.58 12.28
N GLU B 79 -8.62 -3.89 12.96
CA GLU B 79 -8.64 -4.31 14.35
C GLU B 79 -8.99 -3.16 15.26
N PHE B 80 -8.42 -1.97 14.98
CA PHE B 80 -8.71 -0.75 15.74
C PHE B 80 -10.17 -0.33 15.62
N PHE B 81 -10.76 -0.44 14.43
CA PHE B 81 -12.12 0.12 14.23
C PHE B 81 -13.03 -0.91 13.63
N PRO B 82 -13.36 -1.97 14.42
CA PRO B 82 -14.08 -3.11 13.86
C PRO B 82 -15.53 -2.82 13.48
N ASN B 83 -16.04 -1.67 13.94
CA ASN B 83 -17.44 -1.28 13.76
C ASN B 83 -17.61 -0.12 12.79
N ASN B 84 -16.49 0.38 12.29
CA ASN B 84 -16.46 1.45 11.33
C ASN B 84 -15.92 0.89 10.02
N ALA B 85 -15.94 1.69 8.96
CA ALA B 85 -15.64 1.18 7.63
C ALA B 85 -14.20 1.46 7.37
N VAL B 86 -13.36 0.45 7.62
CA VAL B 86 -11.97 0.51 7.22
C VAL B 86 -11.82 -0.13 5.83
N GLU B 87 -11.23 0.64 4.92
CA GLU B 87 -11.18 0.27 3.52
C GLU B 87 -9.74 0.31 2.96
N TYR B 88 -9.54 -0.35 1.81
CA TYR B 88 -8.23 -0.53 1.18
C TYR B 88 -8.33 -0.13 -0.29
N PHE B 89 -7.46 0.81 -0.71
CA PHE B 89 -7.47 1.37 -2.08
C PHE B 89 -6.05 1.42 -2.67
N VAL B 90 -5.80 0.46 -3.53
CA VAL B 90 -4.52 0.24 -4.15
C VAL B 90 -4.80 -0.07 -5.64
N SER B 91 -3.77 0.02 -6.50
CA SER B 91 -3.90 -0.38 -7.89
C SER B 91 -4.37 -1.84 -7.93
N TYR B 92 -5.36 -2.15 -8.76
CA TYR B 92 -5.81 -3.54 -8.85
C TYR B 92 -4.90 -4.45 -9.71
N TYR B 93 -3.78 -3.93 -10.19
CA TYR B 93 -2.86 -4.72 -11.02
C TYR B 93 -1.99 -5.62 -10.18
N ASP B 94 -2.08 -6.93 -10.45
CA ASP B 94 -1.21 -7.92 -9.83
C ASP B 94 0.22 -7.68 -10.26
N TYR B 95 0.40 -7.37 -11.53
CA TYR B 95 1.66 -6.79 -12.02
C TYR B 95 1.28 -5.82 -13.11
N TYR B 96 2.15 -4.83 -13.34
CA TYR B 96 1.88 -3.76 -14.30
C TYR B 96 3.15 -3.40 -15.06
N GLN B 97 3.10 -3.64 -16.38
CA GLN B 97 4.04 -3.08 -17.30
C GLN B 97 3.29 -2.00 -18.07
N PRO B 98 3.67 -0.72 -17.88
CA PRO B 98 2.97 0.30 -18.66
C PRO B 98 3.42 0.28 -20.11
N GLU B 99 2.54 0.75 -21.00
CA GLU B 99 2.88 1.11 -22.37
C GLU B 99 4.05 2.15 -22.46
N ALA B 100 5.07 1.81 -23.26
CA ALA B 100 6.32 2.56 -23.34
C ALA B 100 7.00 2.33 -24.71
N TYR B 101 7.83 3.27 -25.12
CA TYR B 101 8.58 3.13 -26.36
C TYR B 101 10.05 3.47 -26.08
N VAL B 102 10.96 2.66 -26.57
CA VAL B 102 12.38 2.99 -26.37
C VAL B 102 13.04 3.43 -27.69
N PRO B 103 13.10 4.77 -27.94
CA PRO B 103 13.65 5.34 -29.18
C PRO B 103 15.02 4.79 -29.57
N GLN B 104 15.92 4.67 -28.59
CA GLN B 104 17.23 4.05 -28.79
C GLN B 104 17.15 2.73 -29.54
N THR B 105 16.28 1.84 -29.09
CA THR B 105 16.17 0.53 -29.73
C THR B 105 14.98 0.39 -30.66
N ASP B 106 14.22 1.47 -30.85
CA ASP B 106 12.99 1.46 -31.69
C ASP B 106 12.09 0.27 -31.33
N THR B 107 11.88 0.07 -30.03
CA THR B 107 11.02 -1.02 -29.57
C THR B 107 9.93 -0.46 -28.67
N PHE B 108 8.71 -0.95 -28.91
CA PHE B 108 7.53 -0.59 -28.16
C PHE B 108 7.23 -1.66 -27.14
N ILE B 109 6.83 -1.22 -25.96
CA ILE B 109 6.45 -2.11 -24.88
C ILE B 109 4.93 -2.04 -24.71
N GLU B 110 4.25 -3.12 -25.07
CA GLU B 110 2.80 -3.23 -24.86
C GLU B 110 2.48 -3.26 -23.36
N LYS B 111 1.38 -2.61 -22.99
CA LYS B 111 0.83 -2.73 -21.66
C LYS B 111 0.67 -4.21 -21.27
N ASP B 112 1.30 -4.59 -20.17
CA ASP B 112 1.19 -5.96 -19.70
C ASP B 112 0.81 -5.90 -18.25
N ALA B 113 -0.23 -6.63 -17.89
CA ALA B 113 -0.84 -6.51 -16.56
C ALA B 113 -1.96 -7.52 -16.33
N SER B 114 -2.10 -7.97 -15.10
CA SER B 114 -3.26 -8.78 -14.72
C SER B 114 -3.97 -8.15 -13.54
N ILE B 115 -5.29 -8.14 -13.59
CA ILE B 115 -6.12 -7.55 -12.55
C ILE B 115 -6.39 -8.56 -11.43
N ASN B 116 -6.27 -8.07 -10.19
CA ASN B 116 -6.50 -8.85 -8.99
C ASN B 116 -7.95 -8.65 -8.63
N ASP B 117 -8.76 -9.72 -8.62
CA ASP B 117 -10.20 -9.55 -8.36
C ASP B 117 -10.49 -9.01 -6.96
N GLU B 118 -9.78 -9.50 -5.95
CA GLU B 118 -9.96 -9.03 -4.59
C GLU B 118 -9.63 -7.53 -4.45
N ILE B 119 -8.54 -7.08 -5.06
CA ILE B 119 -8.22 -5.66 -5.02
C ILE B 119 -9.30 -4.79 -5.66
N ASP B 120 -9.81 -5.18 -6.83
CA ASP B 120 -10.90 -4.40 -7.48
C ASP B 120 -12.10 -4.32 -6.54
N LYS B 121 -12.47 -5.46 -5.94
CA LYS B 121 -13.48 -5.51 -4.86
C LYS B 121 -13.27 -4.49 -3.72
N LEU B 122 -12.08 -4.49 -3.12
CA LEU B 122 -11.75 -3.54 -2.05
C LEU B 122 -11.82 -2.06 -2.51
N ARG B 123 -11.50 -1.82 -3.79
CA ARG B 123 -11.59 -0.46 -4.37
C ARG B 123 -13.04 -0.02 -4.45
N HIS B 124 -13.90 -0.92 -4.92
CA HIS B 124 -15.33 -0.66 -4.99
C HIS B 124 -15.93 -0.51 -3.59
N SER B 125 -15.39 -1.27 -2.65
CA SER B 125 -15.86 -1.18 -1.27
C SER B 125 -15.53 0.19 -0.68
N ALA B 126 -14.32 0.68 -1.01
CA ALA B 126 -13.86 2.00 -0.60
C ALA B 126 -14.76 3.15 -1.10
N THR B 127 -15.07 3.18 -2.39
CA THR B 127 -15.79 4.32 -2.96
C THR B 127 -17.26 4.32 -2.57
N SER B 128 -17.89 3.14 -2.52
CA SER B 128 -19.27 3.02 -2.10
C SER B 128 -19.42 3.41 -0.59
N ALA B 129 -18.49 3.01 0.24
CA ALA B 129 -18.50 3.42 1.65
C ALA B 129 -18.58 4.95 1.88
N LEU B 130 -17.89 5.72 1.04
CA LEU B 130 -17.87 7.18 1.15
C LEU B 130 -19.24 7.80 0.91
N PHE B 131 -20.10 7.04 0.22
CA PHE B 131 -21.44 7.48 -0.04
C PHE B 131 -22.41 6.85 0.90
N GLU B 132 -21.96 5.90 1.74
CA GLU B 132 -22.92 5.21 2.64
C GLU B 132 -22.85 5.72 4.06
N ARG B 133 -21.67 6.17 4.47
CA ARG B 133 -21.49 6.57 5.84
C ARG B 133 -20.37 7.60 6.00
N ARG B 134 -20.27 8.20 7.19
CA ARG B 134 -19.17 9.10 7.54
C ARG B 134 -17.95 8.47 8.22
N ASP B 135 -18.14 7.30 8.83
CA ASP B 135 -17.10 6.69 9.66
C ASP B 135 -16.22 5.78 8.78
N VAL B 136 -15.47 6.41 7.87
CA VAL B 136 -14.68 5.71 6.85
C VAL B 136 -13.22 6.09 6.99
N ILE B 137 -12.35 5.08 7.09
CA ILE B 137 -10.90 5.21 6.99
C ILE B 137 -10.44 4.39 5.79
N ILE B 138 -9.75 5.06 4.86
CA ILE B 138 -9.17 4.38 3.69
C ILE B 138 -7.63 4.40 3.76
N ILE B 139 -7.06 3.22 3.65
CA ILE B 139 -5.60 3.09 3.52
C ILE B 139 -5.38 2.90 2.03
N ALA B 140 -4.51 3.75 1.47
CA ALA B 140 -4.35 3.84 0.03
C ALA B 140 -2.89 4.01 -0.31
N SER B 141 -2.54 3.59 -1.52
CA SER B 141 -1.32 4.04 -2.14
C SER B 141 -1.59 5.33 -2.92
N VAL B 142 -0.58 5.82 -3.66
CA VAL B 142 -0.75 6.98 -4.56
C VAL B 142 -1.78 6.67 -5.65
N SER B 143 -2.33 5.45 -5.70
CA SER B 143 -3.50 5.14 -6.51
C SER B 143 -4.64 6.11 -6.21
N CYS B 144 -4.61 6.71 -5.01
CA CYS B 144 -5.63 7.66 -4.61
C CYS B 144 -5.56 8.98 -5.43
N ILE B 145 -4.45 9.22 -6.14
CA ILE B 145 -4.40 10.43 -6.97
C ILE B 145 -4.56 10.11 -8.47
N TYR B 146 -4.99 8.88 -8.78
CA TYR B 146 -5.16 8.47 -10.17
C TYR B 146 -6.62 8.51 -10.59
N GLY B 147 -6.86 8.37 -11.89
CA GLY B 147 -8.18 8.68 -12.46
C GLY B 147 -9.31 7.75 -12.01
N LEU B 148 -10.44 8.34 -11.69
CA LEU B 148 -11.67 7.61 -11.39
C LEU B 148 -12.83 8.35 -12.08
N GLY B 149 -13.93 7.68 -12.34
CA GLY B 149 -15.08 8.40 -12.85
C GLY B 149 -15.49 9.45 -11.87
N SER B 150 -16.30 10.38 -12.36
CA SER B 150 -16.93 11.42 -11.58
C SER B 150 -17.75 10.90 -10.40
N PRO B 151 -17.43 11.38 -9.18
CA PRO B 151 -18.15 10.88 -8.00
C PRO B 151 -19.61 11.30 -8.05
N GLU B 152 -19.86 12.49 -8.61
CA GLU B 152 -21.26 12.93 -8.78
C GLU B 152 -22.06 11.94 -9.61
N GLU B 153 -21.53 11.51 -10.76
CA GLU B 153 -22.13 10.49 -11.62
C GLU B 153 -22.27 9.11 -10.97
N TYR B 154 -21.18 8.62 -10.36
CA TYR B 154 -21.15 7.37 -9.59
C TYR B 154 -22.27 7.40 -8.53
N ARG B 155 -22.24 8.41 -7.66
CA ARG B 155 -23.37 8.67 -6.73
C ARG B 155 -24.72 8.65 -7.43
N GLU B 156 -24.78 9.36 -8.55
CA GLU B 156 -26.03 9.55 -9.26
C GLU B 156 -26.54 8.29 -9.91
N MET B 157 -25.61 7.40 -10.28
CA MET B 157 -25.96 6.17 -10.99
C MET B 157 -26.39 5.00 -10.08
N VAL B 158 -26.32 5.21 -8.77
CA VAL B 158 -26.83 4.22 -7.79
C VAL B 158 -28.31 3.83 -8.00
N VAL B 159 -28.56 2.52 -7.99
CA VAL B 159 -29.92 1.94 -7.99
C VAL B 159 -30.41 1.80 -6.54
N SER B 160 -31.38 2.61 -6.13
CA SER B 160 -31.85 2.54 -4.75
C SER B 160 -33.09 1.68 -4.67
N LEU B 161 -33.07 0.73 -3.75
CA LEU B 161 -34.17 -0.20 -3.58
C LEU B 161 -34.60 -0.17 -2.13
N ARG B 162 -35.90 -0.21 -1.91
CA ARG B 162 -36.47 -0.21 -0.59
C ARG B 162 -37.69 -1.11 -0.59
N THR B 163 -37.97 -1.72 0.55
CA THR B 163 -39.12 -2.64 0.60
C THR B 163 -40.40 -1.86 0.38
N GLU B 164 -41.43 -2.56 -0.09
CA GLU B 164 -42.72 -1.97 -0.48
C GLU B 164 -42.60 -0.97 -1.64
N MET B 165 -41.40 -0.85 -2.19
CA MET B 165 -41.18 -0.03 -3.37
C MET B 165 -41.85 -0.66 -4.60
N GLU B 166 -42.49 0.16 -5.44
CA GLU B 166 -42.98 -0.29 -6.75
C GLU B 166 -41.86 -0.18 -7.76
N ILE B 167 -41.82 -1.14 -8.68
CA ILE B 167 -40.72 -1.30 -9.65
C ILE B 167 -40.89 -2.70 -10.27
N GLU B 168 -40.70 -2.79 -11.59
CA GLU B 168 -40.87 -4.06 -12.30
C GLU B 168 -39.60 -4.90 -12.24
N ARG B 169 -39.69 -6.22 -12.23
CA ARG B 169 -38.46 -7.05 -12.09
C ARG B 169 -37.47 -6.73 -13.23
N ASN B 170 -37.97 -6.77 -14.47
CA ASN B 170 -37.16 -6.57 -15.69
C ASN B 170 -36.61 -5.18 -15.90
N GLU B 171 -37.34 -4.20 -15.33
CA GLU B 171 -36.90 -2.81 -15.27
C GLU B 171 -35.66 -2.73 -14.36
N LEU B 172 -35.68 -3.44 -13.22
CA LEU B 172 -34.49 -3.57 -12.36
C LEU B 172 -33.32 -4.17 -13.14
N LEU B 173 -33.59 -5.25 -13.87
CA LEU B 173 -32.54 -5.89 -14.72
C LEU B 173 -31.87 -4.86 -15.65
N ARG B 174 -32.68 -4.16 -16.44
CA ARG B 174 -32.24 -3.05 -17.31
C ARG B 174 -31.35 -2.02 -16.61
N LYS B 175 -31.79 -1.53 -15.43
CA LYS B 175 -30.96 -0.59 -14.63
C LYS B 175 -29.60 -1.17 -14.23
N LEU B 176 -29.61 -2.45 -13.82
CA LEU B 176 -28.39 -3.11 -13.41
C LEU B 176 -27.36 -3.25 -14.55
N VAL B 177 -27.84 -3.65 -15.74
CA VAL B 177 -27.00 -3.69 -16.95
C VAL B 177 -26.43 -2.29 -17.26
N ASP B 178 -27.29 -1.29 -17.17
CA ASP B 178 -26.93 0.07 -17.52
C ASP B 178 -25.81 0.55 -16.61
N ILE B 179 -25.65 -0.07 -15.43
CA ILE B 179 -24.58 0.31 -14.53
C ILE B 179 -23.46 -0.74 -14.43
N GLN B 180 -23.42 -1.64 -15.42
CA GLN B 180 -22.31 -2.58 -15.69
C GLN B 180 -22.34 -3.90 -14.96
N TYR B 181 -23.50 -4.27 -14.41
CA TYR B 181 -23.69 -5.64 -13.91
C TYR B 181 -24.01 -6.54 -15.09
N ALA B 182 -23.67 -7.81 -14.98
CA ALA B 182 -23.84 -8.74 -16.08
C ALA B 182 -24.75 -9.84 -15.62
N ARG B 183 -25.73 -10.21 -16.44
CA ARG B 183 -26.50 -11.41 -16.16
C ARG B 183 -25.57 -12.63 -16.19
N ASN B 184 -25.58 -13.41 -15.09
CA ASN B 184 -24.94 -14.72 -15.03
C ASN B 184 -25.66 -15.64 -14.05
N ASP B 185 -26.61 -16.41 -14.58
CA ASP B 185 -27.34 -17.42 -13.79
C ASP B 185 -26.50 -18.62 -13.35
N ILE B 186 -25.43 -18.88 -14.08
CA ILE B 186 -24.64 -20.11 -13.94
C ILE B 186 -23.45 -19.95 -13.00
N ASP B 187 -22.62 -18.94 -13.25
CA ASP B 187 -21.45 -18.63 -12.42
C ASP B 187 -21.67 -17.29 -11.75
N PHE B 188 -22.36 -17.30 -10.61
CA PHE B 188 -22.78 -16.05 -9.94
C PHE B 188 -21.62 -15.56 -9.06
N GLN B 189 -20.98 -14.49 -9.53
CA GLN B 189 -19.76 -13.87 -8.96
C GLN B 189 -20.06 -12.41 -8.67
N ARG B 190 -19.07 -11.67 -8.19
CA ARG B 190 -19.32 -10.27 -7.94
C ARG B 190 -19.37 -9.48 -9.24
N GLY B 191 -20.23 -8.48 -9.28
CA GLY B 191 -20.47 -7.70 -10.49
C GLY B 191 -21.46 -8.38 -11.39
N THR B 192 -22.28 -9.23 -10.80
CA THR B 192 -23.09 -10.16 -11.56
C THR B 192 -24.47 -10.20 -10.90
N PHE B 193 -25.54 -10.39 -11.70
CA PHE B 193 -26.84 -10.72 -11.10
C PHE B 193 -27.36 -12.02 -11.64
N ARG B 194 -28.14 -12.72 -10.81
CA ARG B 194 -28.91 -13.89 -11.26
C ARG B 194 -30.37 -13.81 -10.89
N VAL B 195 -31.21 -14.36 -11.76
CA VAL B 195 -32.67 -14.29 -11.62
C VAL B 195 -33.29 -15.69 -11.46
N ARG B 196 -34.10 -15.88 -10.45
CA ARG B 196 -34.93 -17.08 -10.35
C ARG B 196 -36.35 -16.63 -10.15
N GLY B 197 -37.14 -16.65 -11.22
CA GLY B 197 -38.52 -16.20 -11.12
C GLY B 197 -38.62 -14.82 -10.50
N ASP B 198 -39.32 -14.72 -9.37
CA ASP B 198 -39.54 -13.46 -8.68
C ASP B 198 -38.40 -12.98 -7.76
N VAL B 199 -37.29 -13.71 -7.77
CA VAL B 199 -36.11 -13.37 -6.97
C VAL B 199 -34.91 -12.95 -7.84
N VAL B 200 -34.38 -11.75 -7.59
CA VAL B 200 -33.15 -11.32 -8.19
C VAL B 200 -32.06 -11.30 -7.13
N GLU B 201 -30.90 -11.90 -7.43
CA GLU B 201 -29.75 -11.76 -6.54
C GLU B 201 -28.68 -10.99 -7.23
N ILE B 202 -28.29 -9.88 -6.62
CA ILE B 202 -27.30 -8.98 -7.13
C ILE B 202 -26.05 -9.17 -6.26
N PHE B 203 -24.92 -9.46 -6.89
CA PHE B 203 -23.65 -9.59 -6.18
C PHE B 203 -22.91 -8.23 -6.32
N PRO B 204 -22.95 -7.39 -5.27
CA PRO B 204 -22.30 -6.09 -5.38
C PRO B 204 -20.83 -6.21 -5.76
N ALA B 205 -20.34 -5.22 -6.52
CA ALA B 205 -18.98 -5.16 -6.96
C ALA B 205 -18.03 -4.98 -5.77
N SER B 206 -18.59 -4.47 -4.67
CA SER B 206 -17.89 -4.24 -3.41
C SER B 206 -17.79 -5.45 -2.48
N ARG B 207 -18.37 -6.59 -2.90
CA ARG B 207 -18.45 -7.81 -2.09
C ARG B 207 -17.98 -9.05 -2.87
N ASP B 208 -17.45 -10.05 -2.18
CA ASP B 208 -17.25 -11.40 -2.79
C ASP B 208 -17.78 -12.54 -1.90
N GLU B 209 -18.71 -12.18 -1.01
CA GLU B 209 -19.02 -12.90 0.21
C GLU B 209 -20.52 -13.01 0.46
N HIS B 210 -21.20 -11.89 0.18
CA HIS B 210 -22.59 -11.69 0.47
C HIS B 210 -23.21 -11.01 -0.73
N CYS B 211 -24.44 -11.36 -1.04
CA CYS B 211 -25.14 -10.70 -2.09
C CYS B 211 -26.43 -10.14 -1.53
N VAL B 212 -27.21 -9.48 -2.40
CA VAL B 212 -28.47 -8.87 -2.07
C VAL B 212 -29.53 -9.62 -2.86
N ARG B 213 -30.46 -10.25 -2.12
CA ARG B 213 -31.60 -10.95 -2.68
C ARG B 213 -32.81 -10.05 -2.58
N VAL B 214 -33.40 -9.78 -3.76
CA VAL B 214 -34.54 -8.89 -3.90
C VAL B 214 -35.78 -9.69 -4.34
N GLU B 215 -36.80 -9.75 -3.49
CA GLU B 215 -37.95 -10.64 -3.75
C GLU B 215 -39.15 -9.82 -4.16
N PHE B 216 -39.67 -10.12 -5.34
CA PHE B 216 -40.80 -9.41 -5.93
C PHE B 216 -42.13 -10.09 -5.67
N PHE B 217 -43.21 -9.31 -5.65
CA PHE B 217 -44.54 -9.86 -5.84
C PHE B 217 -45.19 -8.92 -6.83
N GLY B 218 -45.34 -9.36 -8.08
CA GLY B 218 -45.78 -8.45 -9.14
C GLY B 218 -44.69 -7.39 -9.25
N ASP B 219 -45.09 -6.15 -9.48
CA ASP B 219 -44.17 -5.00 -9.58
C ASP B 219 -43.92 -4.30 -8.24
N GLU B 220 -43.46 -5.06 -7.26
CA GLU B 220 -43.25 -4.53 -5.94
C GLU B 220 -42.24 -5.41 -5.29
N ILE B 221 -41.30 -4.79 -4.59
CA ILE B 221 -40.30 -5.49 -3.80
C ILE B 221 -40.94 -5.79 -2.45
N GLU B 222 -40.88 -7.05 -2.03
CA GLU B 222 -41.42 -7.46 -0.75
C GLU B 222 -40.33 -7.48 0.29
N ARG B 223 -39.18 -8.05 -0.06
CA ARG B 223 -38.10 -8.07 0.87
C ARG B 223 -36.71 -8.00 0.24
N ILE B 224 -35.77 -7.59 1.07
CA ILE B 224 -34.41 -7.39 0.68
C ILE B 224 -33.61 -8.07 1.78
N ARG B 225 -32.67 -8.91 1.38
CA ARG B 225 -31.92 -9.67 2.33
C ARG B 225 -30.47 -9.69 1.93
N GLU B 226 -29.58 -9.52 2.90
CA GLU B 226 -28.20 -9.89 2.72
C GLU B 226 -28.12 -11.40 2.90
N VAL B 227 -27.65 -12.11 1.88
CA VAL B 227 -27.52 -13.55 1.96
C VAL B 227 -26.10 -13.97 1.60
N ASP B 228 -25.69 -15.12 2.11
CA ASP B 228 -24.43 -15.75 1.76
C ASP B 228 -24.63 -16.26 0.35
N ALA B 229 -23.75 -15.88 -0.56
CA ALA B 229 -23.98 -16.15 -1.97
C ALA B 229 -23.96 -17.65 -2.27
N LEU B 230 -22.93 -18.32 -1.74
CA LEU B 230 -22.74 -19.76 -1.91
C LEU B 230 -23.84 -20.61 -1.26
N THR B 231 -24.25 -20.24 -0.03
CA THR B 231 -25.15 -21.04 0.78
C THR B 231 -26.65 -20.70 0.69
N GLY B 232 -26.96 -19.43 0.50
CA GLY B 232 -28.36 -18.98 0.47
C GLY B 232 -28.87 -18.70 1.89
N GLU B 233 -27.98 -18.87 2.84
CA GLU B 233 -28.21 -18.57 4.24
C GLU B 233 -28.45 -17.06 4.46
N ILE B 234 -29.65 -16.73 4.93
CA ILE B 234 -30.04 -15.34 5.15
C ILE B 234 -29.24 -14.76 6.31
N LEU B 235 -28.72 -13.54 6.12
CA LEU B 235 -27.93 -12.85 7.12
C LEU B 235 -28.67 -11.66 7.74
N GLY B 236 -29.62 -11.08 7.01
CA GLY B 236 -30.43 -10.00 7.58
C GLY B 236 -31.35 -9.33 6.57
N ASP B 237 -32.43 -8.74 7.08
CA ASP B 237 -33.34 -8.01 6.22
C ASP B 237 -32.93 -6.54 6.14
N ARG B 238 -33.28 -5.90 5.03
CA ARG B 238 -32.95 -4.51 4.81
C ARG B 238 -34.21 -3.81 4.34
N ASP B 239 -34.47 -2.61 4.84
CA ASP B 239 -35.54 -1.76 4.30
C ASP B 239 -35.07 -0.96 3.09
N HIS B 240 -33.75 -0.81 2.96
CA HIS B 240 -33.16 -0.02 1.89
C HIS B 240 -31.81 -0.60 1.53
N VAL B 241 -31.51 -0.63 0.22
CA VAL B 241 -30.17 -0.94 -0.27
C VAL B 241 -29.84 -0.03 -1.44
N ALA B 242 -28.62 0.51 -1.41
CA ALA B 242 -28.03 1.18 -2.56
C ALA B 242 -27.05 0.21 -3.29
N ILE B 243 -27.30 -0.03 -4.57
CA ILE B 243 -26.43 -0.79 -5.43
C ILE B 243 -25.61 0.20 -6.27
N PHE B 244 -24.30 0.20 -6.10
CA PHE B 244 -23.45 1.17 -6.79
C PHE B 244 -23.01 0.58 -8.14
N PRO B 245 -22.63 1.43 -9.11
CA PRO B 245 -22.13 0.87 -10.36
C PRO B 245 -21.00 -0.15 -10.19
N ALA B 246 -21.02 -1.20 -11.01
CA ALA B 246 -19.99 -2.27 -11.01
C ALA B 246 -18.64 -1.82 -11.58
N SER B 247 -18.61 -0.63 -12.17
CA SER B 247 -17.39 -0.06 -12.72
C SER B 247 -17.25 1.41 -12.27
N HIS B 248 -16.02 1.85 -12.03
CA HIS B 248 -15.71 3.26 -11.74
C HIS B 248 -15.62 4.18 -12.96
N PHE B 249 -15.74 3.60 -14.16
CA PHE B 249 -15.80 4.39 -15.40
C PHE B 249 -16.79 3.74 -16.36
N VAL B 250 -18.04 4.20 -16.32
CA VAL B 250 -19.06 3.68 -17.24
C VAL B 250 -19.40 4.68 -18.32
N THR B 251 -19.29 4.24 -19.57
CA THR B 251 -19.48 5.15 -20.68
C THR B 251 -20.70 4.74 -21.47
N ARG B 252 -21.84 5.37 -21.15
CA ARG B 252 -23.11 5.05 -21.78
C ARG B 252 -23.01 5.29 -23.29
N ALA B 253 -23.86 4.61 -24.06
CA ALA B 253 -23.70 4.54 -25.52
C ALA B 253 -23.77 5.89 -26.23
N GLU B 254 -24.52 6.83 -25.65
CA GLU B 254 -24.68 8.19 -26.19
C GLU B 254 -23.39 9.01 -26.15
N LYS B 255 -22.70 8.95 -25.01
CA LYS B 255 -21.48 9.71 -24.82
C LYS B 255 -20.38 9.12 -25.69
N MET B 256 -20.34 7.80 -25.79
CA MET B 256 -19.32 7.08 -26.54
C MET B 256 -19.36 7.53 -28.01
N GLU B 257 -20.55 7.58 -28.62
CA GLU B 257 -20.73 8.05 -30.01
C GLU B 257 -20.11 9.43 -30.22
N LYS B 258 -20.41 10.35 -29.29
CA LYS B 258 -19.92 11.73 -29.35
C LYS B 258 -18.41 11.79 -29.16
N ALA B 259 -17.89 11.01 -28.19
CA ALA B 259 -16.45 10.97 -27.93
C ALA B 259 -15.67 10.46 -29.14
N ILE B 260 -16.25 9.51 -29.86
CA ILE B 260 -15.66 9.01 -31.09
C ILE B 260 -15.62 10.14 -32.14
N GLN B 261 -16.72 10.88 -32.31
CA GLN B 261 -16.67 12.16 -33.04
C GLN B 261 -15.43 12.97 -32.66
N ASN B 262 -15.30 13.33 -31.38
CA ASN B 262 -14.22 14.23 -30.97
C ASN B 262 -12.80 13.66 -31.16
N ILE B 263 -12.65 12.35 -30.94
CA ILE B 263 -11.34 11.67 -31.10
C ILE B 263 -10.88 11.73 -32.56
N GLU B 264 -11.82 11.49 -33.48
CA GLU B 264 -11.57 11.56 -34.92
C GLU B 264 -11.08 12.94 -35.34
N LYS B 265 -11.77 13.98 -34.87
CA LYS B 265 -11.39 15.37 -35.15
C LYS B 265 -10.00 15.72 -34.63
N GLU B 266 -9.71 15.32 -33.38
CA GLU B 266 -8.38 15.47 -32.79
C GLU B 266 -7.35 14.77 -33.63
N LEU B 267 -7.68 13.57 -34.09
CA LEU B 267 -6.77 12.78 -34.93
C LEU B 267 -6.50 13.54 -36.22
N GLU B 268 -7.58 14.04 -36.82
CA GLU B 268 -7.52 14.76 -38.10
C GLU B 268 -6.61 15.97 -38.00
N GLU B 269 -6.64 16.65 -36.86
CA GLU B 269 -5.77 17.80 -36.66
C GLU B 269 -4.34 17.41 -36.39
N GLN B 270 -4.10 16.34 -35.66
CA GLN B 270 -2.72 15.89 -35.36
C GLN B 270 -1.99 15.38 -36.60
N LEU B 271 -2.74 14.66 -37.45
CA LEU B 271 -2.21 14.15 -38.70
C LEU B 271 -1.73 15.29 -39.64
N LYS B 272 -2.56 16.33 -39.79
CA LYS B 272 -2.20 17.58 -40.47
C LYS B 272 -0.85 18.14 -40.02
N VAL B 273 -0.69 18.31 -38.71
CA VAL B 273 0.50 18.92 -38.13
C VAL B 273 1.74 18.08 -38.32
N MET B 274 1.57 16.76 -38.31
CA MET B 274 2.72 15.84 -38.39
C MET B 274 3.20 15.77 -39.83
N HIS B 275 2.26 15.82 -40.78
CA HIS B 275 2.61 15.73 -42.19
C HIS B 275 3.42 16.96 -42.62
N GLU B 276 2.95 18.15 -42.21
CA GLU B 276 3.70 19.42 -42.34
C GLU B 276 5.10 19.35 -41.75
N ASN B 277 5.26 18.71 -40.59
CA ASN B 277 6.62 18.57 -40.06
C ASN B 277 7.34 17.29 -40.50
N GLY B 278 6.80 16.67 -41.55
CA GLY B 278 7.42 15.51 -42.19
C GLY B 278 7.57 14.32 -41.27
N LYS B 279 6.67 14.21 -40.30
CA LYS B 279 6.65 13.10 -39.34
C LYS B 279 5.78 12.02 -39.99
N LEU B 280 6.29 11.46 -41.09
CA LEU B 280 5.53 10.55 -41.95
C LEU B 280 5.29 9.18 -41.31
N LEU B 281 6.35 8.60 -40.75
CA LEU B 281 6.31 7.32 -40.04
C LEU B 281 5.29 7.43 -38.90
N GLU B 282 5.47 8.47 -38.07
CA GLU B 282 4.66 8.71 -36.88
C GLU B 282 3.20 8.99 -37.22
N ALA B 283 2.94 9.72 -38.31
CA ALA B 283 1.55 9.89 -38.84
C ALA B 283 0.87 8.58 -39.28
N GLN B 284 1.62 7.73 -40.00
CA GLN B 284 1.08 6.43 -40.45
C GLN B 284 0.69 5.58 -39.25
N ARG B 285 1.64 5.43 -38.33
CA ARG B 285 1.47 4.67 -37.08
C ARG B 285 0.26 5.11 -36.26
N LEU B 286 0.18 6.42 -36.01
CA LEU B 286 -0.89 7.01 -35.23
C LEU B 286 -2.25 6.75 -35.85
N GLU B 287 -2.34 6.90 -37.17
CA GLU B 287 -3.62 6.75 -37.87
C GLU B 287 -4.13 5.31 -37.91
N GLN B 288 -3.22 4.36 -38.15
CA GLN B 288 -3.52 2.92 -38.09
C GLN B 288 -4.09 2.58 -36.72
N ARG B 289 -3.31 2.91 -35.69
CA ARG B 289 -3.67 2.61 -34.32
C ARG B 289 -4.98 3.22 -33.88
N THR B 290 -5.13 4.53 -34.12
CA THR B 290 -6.32 5.26 -33.65
C THR B 290 -7.60 4.79 -34.34
N ARG B 291 -7.54 4.66 -35.66
CA ARG B 291 -8.74 4.23 -36.39
C ARG B 291 -9.13 2.78 -36.10
N TYR B 292 -8.15 1.97 -35.72
CA TYR B 292 -8.49 0.63 -35.22
C TYR B 292 -9.19 0.73 -33.87
N ASP B 293 -8.62 1.52 -32.96
CA ASP B 293 -9.20 1.68 -31.64
C ASP B 293 -10.63 2.16 -31.79
N LEU B 294 -10.86 2.97 -32.82
CA LEU B 294 -12.15 3.61 -33.06
C LEU B 294 -13.21 2.68 -33.66
N GLU B 295 -12.77 1.74 -34.49
CA GLU B 295 -13.67 0.69 -35.02
C GLU B 295 -14.16 -0.18 -33.86
N MET B 296 -13.24 -0.59 -33.00
CA MET B 296 -13.56 -1.45 -31.88
C MET B 296 -14.56 -0.83 -30.90
N MET B 297 -14.38 0.46 -30.62
CA MET B 297 -15.30 1.21 -29.77
C MET B 297 -16.70 1.27 -30.40
N ARG B 298 -16.76 1.50 -31.71
CA ARG B 298 -18.02 1.50 -32.44
C ARG B 298 -18.70 0.14 -32.42
N GLU B 299 -17.90 -0.93 -32.50
CA GLU B 299 -18.43 -2.29 -32.52
C GLU B 299 -18.81 -2.79 -31.13
N MET B 300 -17.83 -2.73 -30.21
CA MET B 300 -17.92 -3.32 -28.87
C MET B 300 -18.12 -2.34 -27.72
N GLY B 301 -17.94 -1.06 -27.97
CA GLY B 301 -17.99 -0.08 -26.87
C GLY B 301 -16.83 -0.28 -25.92
N PHE B 302 -15.76 -0.88 -26.44
CA PHE B 302 -14.57 -1.23 -25.70
C PHE B 302 -13.43 -1.52 -26.66
N CYS B 303 -12.22 -1.16 -26.25
CA CYS B 303 -10.99 -1.58 -26.92
C CYS B 303 -9.92 -1.61 -25.87
N SER B 304 -8.90 -2.45 -26.04
CA SER B 304 -7.82 -2.49 -25.06
C SER B 304 -7.05 -1.16 -25.00
N GLY B 305 -6.62 -0.80 -23.79
CA GLY B 305 -5.98 0.47 -23.54
C GLY B 305 -6.95 1.63 -23.68
N ILE B 306 -8.24 1.35 -23.42
CA ILE B 306 -9.31 2.35 -23.58
C ILE B 306 -9.13 3.56 -22.64
N GLU B 307 -8.41 3.35 -21.55
CA GLU B 307 -8.06 4.40 -20.58
C GLU B 307 -7.36 5.61 -21.22
N ASN B 308 -6.57 5.39 -22.27
CA ASN B 308 -5.96 6.50 -23.02
C ASN B 308 -6.99 7.50 -23.55
N TYR B 309 -8.24 7.05 -23.63
CA TYR B 309 -9.32 7.90 -24.15
C TYR B 309 -10.24 8.46 -23.05
N SER B 310 -9.82 8.29 -21.80
CA SER B 310 -10.70 8.60 -20.67
C SER B 310 -11.24 10.01 -20.78
N ARG B 311 -10.36 10.97 -21.07
CA ARG B 311 -10.78 12.36 -21.10
C ARG B 311 -11.80 12.66 -22.20
N HIS B 312 -11.67 12.00 -23.34
CA HIS B 312 -12.64 12.12 -24.42
C HIS B 312 -13.98 11.53 -24.03
N LEU B 313 -13.91 10.38 -23.34
CA LEU B 313 -15.13 9.64 -22.97
C LEU B 313 -15.96 10.39 -21.94
N THR B 314 -15.29 11.26 -21.18
CA THR B 314 -15.92 12.24 -20.29
C THR B 314 -16.47 13.49 -21.00
N LEU B 315 -16.04 13.74 -22.25
CA LEU B 315 -16.46 14.93 -22.99
C LEU B 315 -15.96 16.22 -22.33
N ARG B 316 -14.92 16.12 -21.53
CA ARG B 316 -14.35 17.27 -20.84
C ARG B 316 -13.20 17.89 -21.63
N PRO B 317 -12.96 19.21 -21.46
CA PRO B 317 -11.91 19.91 -22.21
C PRO B 317 -10.52 19.48 -21.80
N PRO B 318 -9.53 19.61 -22.72
CA PRO B 318 -8.13 19.28 -22.50
C PRO B 318 -7.47 19.96 -21.29
N GLY B 319 -6.65 19.19 -20.59
CA GLY B 319 -5.96 19.65 -19.39
C GLY B 319 -6.76 19.56 -18.11
N SER B 320 -8.04 19.20 -18.23
CA SER B 320 -8.94 18.97 -17.09
C SER B 320 -8.39 18.04 -16.03
N THR B 321 -8.48 18.44 -14.76
CA THR B 321 -8.00 17.62 -13.65
C THR B 321 -8.83 16.33 -13.60
N PRO B 322 -8.17 15.17 -13.55
CA PRO B 322 -8.92 13.93 -13.37
C PRO B 322 -9.76 13.96 -12.11
N TYR B 323 -10.84 13.20 -12.12
CA TYR B 323 -11.54 12.86 -10.87
C TYR B 323 -10.76 11.74 -10.23
N THR B 324 -10.45 11.88 -8.95
CA THR B 324 -9.72 10.84 -8.22
C THR B 324 -10.51 10.45 -6.96
N LEU B 325 -10.02 9.48 -6.22
CA LEU B 325 -10.62 9.15 -4.93
C LEU B 325 -10.80 10.38 -4.03
N LEU B 326 -9.87 11.33 -4.16
CA LEU B 326 -9.89 12.52 -3.35
C LEU B 326 -11.23 13.21 -3.49
N ASP B 327 -11.85 13.09 -4.66
CA ASP B 327 -13.15 13.71 -4.97
C ASP B 327 -14.37 13.01 -4.36
N TYR B 328 -14.16 11.74 -3.97
CA TYR B 328 -15.23 10.91 -3.43
C TYR B 328 -15.45 11.25 -1.99
N PHE B 329 -14.46 11.88 -1.39
CA PHE B 329 -14.47 12.22 0.02
C PHE B 329 -15.26 13.51 0.20
N PRO B 330 -15.88 13.71 1.39
CA PRO B 330 -16.45 15.04 1.67
C PRO B 330 -15.37 16.13 1.68
N ASP B 331 -15.76 17.40 1.57
CA ASP B 331 -14.81 18.54 1.54
C ASP B 331 -13.99 18.62 2.83
N ASP B 332 -14.65 18.26 3.93
CA ASP B 332 -14.14 18.21 5.28
C ASP B 332 -13.64 16.77 5.53
N PHE B 333 -12.47 16.44 5.01
CA PHE B 333 -11.84 15.15 5.38
C PHE B 333 -10.43 15.42 5.76
N MET B 334 -9.79 14.41 6.35
CA MET B 334 -8.44 14.44 6.89
C MET B 334 -7.56 13.50 6.08
N ILE B 335 -6.34 13.93 5.77
CA ILE B 335 -5.36 13.03 5.17
C ILE B 335 -4.26 12.82 6.18
N VAL B 336 -3.86 11.57 6.39
CA VAL B 336 -2.64 11.21 7.16
C VAL B 336 -1.60 10.66 6.18
N VAL B 337 -0.44 11.29 6.13
CA VAL B 337 0.59 10.85 5.22
C VAL B 337 1.64 10.07 6.00
N ASP B 338 1.54 8.75 5.89
CA ASP B 338 2.52 7.90 6.55
C ASP B 338 3.86 7.95 5.84
N GLU B 339 4.94 7.99 6.63
CA GLU B 339 6.32 8.10 6.11
C GLU B 339 6.48 9.22 5.08
N SER B 340 6.01 10.41 5.49
CA SER B 340 5.83 11.56 4.64
C SER B 340 7.09 11.97 3.85
N HIS B 341 8.28 11.79 4.42
CA HIS B 341 9.50 12.20 3.76
C HIS B 341 9.73 11.38 2.48
N VAL B 342 9.12 10.21 2.42
CA VAL B 342 9.19 9.33 1.25
C VAL B 342 7.91 9.51 0.44
N THR B 343 6.76 9.54 1.10
CA THR B 343 5.47 9.53 0.41
C THR B 343 5.19 10.83 -0.34
N ILE B 344 5.58 11.96 0.23
CA ILE B 344 5.37 13.26 -0.43
C ILE B 344 6.10 13.39 -1.81
N PRO B 345 7.42 13.13 -1.84
CA PRO B 345 8.16 13.08 -3.12
C PRO B 345 7.61 12.07 -4.12
N GLN B 346 7.14 10.91 -3.62
CA GLN B 346 6.48 9.94 -4.48
C GLN B 346 5.24 10.56 -5.08
N VAL B 347 4.38 11.20 -4.28
CA VAL B 347 3.13 11.78 -4.82
C VAL B 347 3.36 12.81 -5.97
N ARG B 348 4.35 13.67 -5.75
CA ARG B 348 4.84 14.66 -6.70
C ARG B 348 5.45 14.02 -7.94
N GLY B 349 6.19 12.92 -7.74
CA GLY B 349 6.86 12.21 -8.83
C GLY B 349 5.95 11.45 -9.79
N MET B 350 4.72 11.14 -9.39
CA MET B 350 3.84 10.33 -10.27
C MET B 350 3.48 11.03 -11.59
N PHE B 351 3.14 12.31 -11.53
CA PHE B 351 2.67 13.03 -12.72
C PHE B 351 3.79 13.14 -13.73
N ASN B 352 4.98 13.41 -13.23
CA ASN B 352 6.16 13.67 -14.06
C ASN B 352 6.69 12.40 -14.70
N GLY B 353 6.71 11.31 -13.95
CA GLY B 353 6.99 10.01 -14.52
C GLY B 353 5.99 9.67 -15.61
N ASP B 354 4.70 9.80 -15.29
CA ASP B 354 3.61 9.57 -16.25
C ASP B 354 3.77 10.42 -17.52
N GLN B 355 3.96 11.72 -17.34
CA GLN B 355 4.02 12.64 -18.45
C GLN B 355 5.17 12.38 -19.37
N ALA B 356 6.34 12.04 -18.79
CA ALA B 356 7.54 11.77 -19.57
C ALA B 356 7.37 10.54 -20.46
N ARG B 357 6.86 9.46 -19.86
CA ARG B 357 6.58 8.19 -20.52
C ARG B 357 5.58 8.38 -21.69
N LYS B 358 4.52 9.13 -21.44
CA LYS B 358 3.47 9.39 -22.43
C LYS B 358 3.83 10.40 -23.55
N GLN B 359 4.75 11.32 -23.27
CA GLN B 359 5.18 12.22 -24.33
C GLN B 359 6.06 11.50 -25.35
N VAL B 360 6.85 10.52 -24.95
CA VAL B 360 7.61 9.81 -25.96
C VAL B 360 6.71 8.99 -26.85
N LEU B 361 5.52 8.64 -26.34
CA LEU B 361 4.48 7.91 -27.10
C LEU B 361 3.72 8.83 -28.07
N VAL B 362 3.46 10.05 -27.65
CA VAL B 362 2.80 11.06 -28.47
C VAL B 362 3.75 11.59 -29.55
N ASP B 363 5.00 11.82 -29.17
CA ASP B 363 6.03 12.25 -30.11
C ASP B 363 6.22 11.27 -31.27
N HIS B 364 6.18 9.98 -30.94
CA HIS B 364 6.41 8.92 -31.92
C HIS B 364 5.13 8.32 -32.51
N GLY B 365 4.00 9.00 -32.32
CA GLY B 365 2.74 8.60 -32.93
C GLY B 365 2.01 7.37 -32.40
N PHE B 366 2.35 6.93 -31.18
CA PHE B 366 1.66 5.76 -30.61
C PHE B 366 0.36 6.21 -29.94
N ARG B 367 0.36 7.45 -29.46
CA ARG B 367 -0.82 8.02 -28.76
C ARG B 367 -1.16 9.42 -29.25
N LEU B 368 -2.43 9.75 -29.24
CA LEU B 368 -2.89 11.16 -29.36
C LEU B 368 -2.50 12.05 -28.16
N PRO B 369 -2.38 13.39 -28.37
CA PRO B 369 -2.07 14.22 -27.22
C PRO B 369 -3.06 14.08 -26.06
N SER B 370 -4.34 13.81 -26.35
CA SER B 370 -5.34 13.63 -25.30
C SER B 370 -5.04 12.51 -24.31
N ALA B 371 -4.09 11.63 -24.64
CA ALA B 371 -3.75 10.51 -23.76
C ALA B 371 -3.06 11.05 -22.51
N LEU B 372 -2.45 12.22 -22.63
CA LEU B 372 -1.82 12.82 -21.46
C LEU B 372 -2.83 13.28 -20.42
N ASP B 373 -4.10 13.44 -20.80
CA ASP B 373 -5.17 13.81 -19.87
C ASP B 373 -5.60 12.59 -19.02
N ASN B 374 -5.23 11.40 -19.48
CA ASN B 374 -5.38 10.23 -18.64
C ASN B 374 -4.12 10.12 -17.77
N ARG B 375 -4.17 10.71 -16.58
CA ARG B 375 -2.97 11.04 -15.80
C ARG B 375 -3.30 11.12 -14.33
N PRO B 376 -2.28 11.03 -13.44
CA PRO B 376 -2.53 11.30 -12.03
C PRO B 376 -2.59 12.80 -11.80
N LEU B 377 -2.87 13.20 -10.57
CA LEU B 377 -2.85 14.61 -10.22
C LEU B 377 -1.44 15.20 -10.22
N ARG B 378 -1.35 16.46 -10.66
CA ARG B 378 -0.24 17.34 -10.31
C ARG B 378 -0.17 17.62 -8.83
N PHE B 379 1.03 17.85 -8.30
CA PHE B 379 1.13 18.12 -6.86
C PHE B 379 0.33 19.34 -6.39
N GLU B 380 0.18 20.35 -7.26
CA GLU B 380 -0.63 21.58 -7.00
C GLU B 380 -2.12 21.27 -6.94
N GLU B 381 -2.53 20.26 -7.70
CA GLU B 381 -3.87 19.70 -7.64
C GLU B 381 -4.10 18.90 -6.36
N PHE B 382 -3.12 18.10 -5.95
CA PHE B 382 -3.19 17.35 -4.68
C PHE B 382 -3.25 18.32 -3.49
N GLU B 383 -2.49 19.41 -3.56
CA GLU B 383 -2.57 20.46 -2.55
C GLU B 383 -3.97 21.02 -2.38
N LYS B 384 -4.69 21.17 -3.48
CA LYS B 384 -6.05 21.69 -3.47
C LYS B 384 -7.01 20.84 -2.64
N HIS B 385 -6.69 19.56 -2.47
CA HIS B 385 -7.52 18.62 -1.68
C HIS B 385 -7.17 18.57 -0.20
N MET B 386 -6.15 19.33 0.20
CA MET B 386 -5.71 19.27 1.59
C MET B 386 -6.61 20.13 2.46
N HIS B 387 -7.36 19.50 3.38
CA HIS B 387 -8.20 20.23 4.32
C HIS B 387 -7.43 20.26 5.66
N ASN B 388 -7.21 19.10 6.25
CA ASN B 388 -6.18 18.98 7.29
C ASN B 388 -5.36 17.79 6.91
N ILE B 389 -4.06 17.99 6.94
CA ILE B 389 -3.15 16.95 6.56
C ILE B 389 -2.16 16.80 7.69
N VAL B 390 -1.88 15.57 8.05
CA VAL B 390 -0.95 15.33 9.11
C VAL B 390 0.09 14.40 8.52
N TYR B 391 1.31 14.91 8.45
CA TYR B 391 2.45 14.14 7.99
C TYR B 391 3.02 13.37 9.16
N VAL B 392 3.40 12.11 8.92
CA VAL B 392 3.95 11.27 9.97
C VAL B 392 5.33 10.77 9.56
N SER B 393 6.34 11.10 10.35
CA SER B 393 7.72 10.80 10.02
C SER B 393 8.68 11.08 11.18
N ALA B 394 9.68 10.20 11.33
CA ALA B 394 10.78 10.38 12.28
C ALA B 394 11.78 11.43 11.76
N THR B 395 11.68 11.68 10.44
CA THR B 395 12.57 12.55 9.71
C THR B 395 11.76 13.25 8.63
N PRO B 396 10.96 14.28 8.99
CA PRO B 396 10.18 15.02 7.99
C PRO B 396 11.03 15.67 6.89
N GLY B 397 10.49 15.64 5.65
CA GLY B 397 11.07 16.26 4.49
C GLY B 397 10.94 17.78 4.50
N PRO B 398 11.51 18.46 3.47
CA PRO B 398 11.44 19.92 3.45
C PRO B 398 10.05 20.49 3.22
N TYR B 399 9.18 19.78 2.49
CA TYR B 399 7.77 20.17 2.33
C TYR B 399 7.06 20.28 3.70
N GLU B 400 7.06 19.19 4.45
CA GLU B 400 6.43 19.13 5.74
C GLU B 400 6.97 20.22 6.66
N ILE B 401 8.30 20.36 6.68
CA ILE B 401 8.97 21.32 7.56
C ILE B 401 8.53 22.74 7.22
N GLU B 402 8.47 23.05 5.93
CA GLU B 402 8.09 24.39 5.51
C GLU B 402 6.68 24.75 5.94
N HIS B 403 5.74 23.83 5.69
CA HIS B 403 4.31 24.08 5.92
C HIS B 403 3.78 23.89 7.34
N THR B 404 4.61 23.38 8.25
CA THR B 404 4.21 23.11 9.64
C THR B 404 4.70 24.24 10.52
N ASP B 405 3.82 24.89 11.27
CA ASP B 405 4.27 25.97 12.19
C ASP B 405 5.19 25.49 13.35
N GLU B 406 4.77 24.40 14.01
CA GLU B 406 5.45 23.75 15.13
C GLU B 406 5.28 22.23 14.99
N MET B 407 6.39 21.50 15.13
CA MET B 407 6.38 20.03 15.22
C MET B 407 5.70 19.52 16.48
N VAL B 408 4.91 18.46 16.32
CA VAL B 408 4.45 17.66 17.43
C VAL B 408 5.37 16.44 17.57
N GLU B 409 6.14 16.42 18.65
CA GLU B 409 7.12 15.38 18.91
C GLU B 409 6.54 14.27 19.79
N GLN B 410 6.92 13.02 19.48
CA GLN B 410 6.52 11.86 20.24
C GLN B 410 7.75 10.99 20.33
N ILE B 411 8.34 10.91 21.52
CA ILE B 411 9.64 10.27 21.66
C ILE B 411 9.71 9.11 22.64
N ILE B 412 8.58 8.76 23.27
CA ILE B 412 8.57 7.77 24.38
C ILE B 412 7.96 6.46 23.94
N ARG B 413 8.71 5.38 24.14
CA ARG B 413 8.27 4.06 23.71
C ARG B 413 7.49 3.30 24.80
N PRO B 414 6.44 2.55 24.39
CA PRO B 414 5.55 1.91 25.35
C PRO B 414 6.28 1.19 26.49
N THR B 415 7.29 0.39 26.15
CA THR B 415 7.99 -0.39 27.14
C THR B 415 9.32 0.29 27.50
N GLY B 416 9.40 1.59 27.24
CA GLY B 416 10.54 2.36 27.70
C GLY B 416 11.85 2.18 26.94
N LEU B 417 11.80 1.47 25.81
CA LEU B 417 12.97 1.23 24.96
C LEU B 417 13.68 2.53 24.59
N LEU B 418 15.01 2.54 24.64
CA LEU B 418 15.78 3.76 24.43
C LEU B 418 16.31 3.92 23.02
N ASP B 419 16.64 5.15 22.63
CA ASP B 419 17.47 5.38 21.45
C ASP B 419 18.83 4.79 21.73
N PRO B 420 19.45 4.15 20.72
CA PRO B 420 20.70 3.41 20.95
C PRO B 420 21.90 4.29 21.32
N LEU B 421 22.87 3.66 21.98
CA LEU B 421 24.17 4.25 22.19
C LEU B 421 24.85 4.33 20.83
N ILE B 422 25.48 5.44 20.51
CA ILE B 422 26.31 5.55 19.29
C ILE B 422 27.83 5.60 19.62
N ASP B 423 28.65 4.81 18.91
CA ASP B 423 30.11 4.95 19.01
C ASP B 423 30.66 5.34 17.64
N VAL B 424 31.58 6.32 17.60
CA VAL B 424 32.29 6.66 16.36
C VAL B 424 33.72 6.13 16.49
N ARG B 425 34.14 5.42 15.46
CA ARG B 425 35.39 4.66 15.46
C ARG B 425 36.03 4.92 14.12
N PRO B 426 37.36 4.93 14.05
CA PRO B 426 38.06 5.27 12.83
C PRO B 426 37.76 4.31 11.68
N ILE B 427 37.90 4.80 10.47
CA ILE B 427 37.83 3.97 9.29
C ILE B 427 38.95 2.88 9.28
N GLU B 428 40.13 3.21 9.80
CA GLU B 428 41.22 2.23 9.90
C GLU B 428 40.96 1.11 10.91
N GLY B 429 41.07 -0.13 10.42
CA GLY B 429 40.79 -1.32 11.22
C GLY B 429 39.31 -1.69 11.24
N GLN B 430 38.58 -1.07 10.30
CA GLN B 430 37.12 -1.03 10.20
C GLN B 430 36.51 -2.43 10.25
N ILE B 431 36.85 -3.22 9.22
CA ILE B 431 36.30 -4.56 8.99
C ILE B 431 36.62 -5.48 10.18
N ASP B 432 37.87 -5.45 10.60
CA ASP B 432 38.31 -6.23 11.74
C ASP B 432 37.58 -5.85 13.01
N ASP B 433 37.44 -4.55 13.26
CA ASP B 433 36.70 -4.07 14.43
C ASP B 433 35.28 -4.63 14.40
N LEU B 434 34.65 -4.51 13.23
CA LEU B 434 33.29 -5.01 13.04
C LEU B 434 33.17 -6.53 13.25
N ILE B 435 34.11 -7.32 12.72
CA ILE B 435 34.08 -8.80 12.90
C ILE B 435 33.93 -9.12 14.37
N GLY B 436 34.86 -8.59 15.18
CA GLY B 436 34.82 -8.64 16.64
C GLY B 436 33.49 -8.33 17.33
N GLU B 437 32.80 -7.31 16.82
CA GLU B 437 31.50 -6.89 17.33
C GLU B 437 30.37 -7.84 16.90
N ILE B 438 30.46 -8.31 15.66
CA ILE B 438 29.59 -9.38 15.17
C ILE B 438 29.78 -10.68 15.96
N GLN B 439 31.03 -11.14 16.08
CA GLN B 439 31.31 -12.38 16.80
C GLN B 439 30.68 -12.31 18.19
N ALA B 440 30.82 -11.17 18.84
CA ALA B 440 30.29 -10.97 20.19
C ALA B 440 28.77 -11.01 20.22
N ARG B 441 28.12 -10.47 19.18
CA ARG B 441 26.66 -10.53 19.03
C ARG B 441 26.18 -11.98 18.79
N ILE B 442 26.97 -12.76 18.06
CA ILE B 442 26.67 -14.17 17.79
C ILE B 442 26.61 -14.97 19.10
N GLU B 443 27.54 -14.66 20.01
CA GLU B 443 27.64 -15.34 21.30
C GLU B 443 26.46 -15.03 22.21
N ARG B 444 25.71 -13.99 21.85
CA ARG B 444 24.67 -13.41 22.69
C ARG B 444 23.28 -13.71 22.12
N ASN B 445 23.25 -14.43 20.99
CA ASN B 445 22.06 -14.78 20.24
C ASN B 445 21.32 -13.52 19.78
N GLU B 446 22.11 -12.54 19.33
CA GLU B 446 21.59 -11.28 18.81
C GLU B 446 22.08 -11.12 17.37
N ARG B 447 21.29 -10.45 16.55
CA ARG B 447 21.61 -10.18 15.13
C ARG B 447 22.17 -8.78 14.89
N VAL B 448 22.73 -8.58 13.70
CA VAL B 448 23.47 -7.41 13.25
C VAL B 448 22.90 -6.95 11.88
N LEU B 449 22.74 -5.63 11.70
CA LEU B 449 22.51 -5.04 10.38
C LEU B 449 23.76 -4.28 10.05
N VAL B 450 24.19 -4.35 8.80
CA VAL B 450 25.32 -3.51 8.41
C VAL B 450 25.15 -2.84 7.05
N THR B 451 25.34 -1.53 7.04
CA THR B 451 25.26 -0.78 5.80
C THR B 451 26.60 -0.36 5.28
N THR B 452 26.81 -0.68 4.01
CA THR B 452 27.96 -0.28 3.24
C THR B 452 27.47 0.73 2.22
N LEU B 453 28.39 1.53 1.70
CA LEU B 453 28.06 2.48 0.66
C LEU B 453 27.92 1.86 -0.71
N THR B 454 28.60 0.74 -0.93
CA THR B 454 28.67 0.18 -2.28
C THR B 454 28.25 -1.28 -2.41
N LYS B 455 27.87 -1.65 -3.63
CA LYS B 455 27.81 -3.04 -4.08
C LYS B 455 29.12 -3.74 -3.77
N LYS B 456 30.24 -3.14 -4.17
CA LYS B 456 31.56 -3.75 -4.01
C LYS B 456 31.94 -4.12 -2.58
N MET B 457 31.77 -3.20 -1.63
CA MET B 457 32.09 -3.49 -0.22
C MET B 457 31.09 -4.49 0.40
N SER B 458 29.81 -4.36 0.02
CA SER B 458 28.78 -5.25 0.51
C SER B 458 29.10 -6.72 0.12
N GLU B 459 29.50 -6.93 -1.15
CA GLU B 459 29.83 -8.28 -1.65
C GLU B 459 31.13 -8.81 -1.05
N ASP B 460 32.16 -7.95 -1.00
CA ASP B 460 33.40 -8.30 -0.34
C ASP B 460 33.23 -8.69 1.13
N LEU B 461 32.54 -7.87 1.90
CA LEU B 461 32.30 -8.16 3.32
C LEU B 461 31.38 -9.40 3.50
N THR B 462 30.33 -9.52 2.69
CA THR B 462 29.48 -10.71 2.75
C THR B 462 30.30 -11.99 2.51
N ASP B 463 31.05 -12.02 1.40
CA ASP B 463 31.97 -13.13 1.09
C ASP B 463 32.96 -13.42 2.20
N TYR B 464 33.52 -12.38 2.81
CA TYR B 464 34.52 -12.59 3.86
C TYR B 464 33.92 -13.21 5.12
N LEU B 465 32.77 -12.68 5.52
CA LEU B 465 31.95 -13.21 6.59
C LEU B 465 31.61 -14.68 6.33
N LYS B 466 31.16 -15.01 5.14
CA LYS B 466 30.84 -16.38 4.82
C LYS B 466 32.09 -17.28 4.94
N GLU B 467 33.21 -16.83 4.39
CA GLU B 467 34.48 -17.61 4.50
C GLU B 467 34.86 -17.92 5.94
N ILE B 468 34.41 -17.08 6.86
CA ILE B 468 34.80 -17.11 8.27
C ILE B 468 33.93 -18.05 9.09
N GLY B 469 32.86 -18.56 8.49
CA GLY B 469 31.85 -19.33 9.23
C GLY B 469 30.66 -18.54 9.78
N ILE B 470 30.61 -17.23 9.51
CA ILE B 470 29.47 -16.42 9.96
C ILE B 470 28.29 -16.60 9.00
N LYS B 471 27.06 -16.61 9.55
CA LYS B 471 25.83 -16.75 8.74
C LYS B 471 25.29 -15.39 8.28
N VAL B 472 25.24 -15.16 6.96
CA VAL B 472 25.03 -13.83 6.43
C VAL B 472 24.23 -13.87 5.15
N ASN B 473 23.57 -12.77 4.85
CA ASN B 473 22.93 -12.59 3.56
C ASN B 473 23.14 -11.16 3.07
N TYR B 474 23.55 -11.03 1.80
CA TYR B 474 23.61 -9.74 1.09
C TYR B 474 22.24 -9.37 0.58
N LEU B 475 21.69 -8.30 1.14
CA LEU B 475 20.50 -7.64 0.62
C LEU B 475 20.83 -6.86 -0.64
N HIS B 476 20.90 -7.54 -1.79
CA HIS B 476 21.15 -6.87 -3.07
C HIS B 476 19.97 -5.95 -3.40
N SER B 477 20.26 -4.88 -4.13
CA SER B 477 19.31 -3.81 -4.43
C SER B 477 18.12 -4.24 -5.30
N GLU B 478 18.34 -5.25 -6.13
CA GLU B 478 17.30 -5.76 -7.01
C GLU B 478 16.52 -6.92 -6.35
N ILE B 479 16.68 -7.09 -5.05
CA ILE B 479 15.81 -7.99 -4.29
C ILE B 479 14.47 -7.27 -4.03
N LYS B 480 13.38 -7.89 -4.46
CA LYS B 480 12.05 -7.34 -4.26
C LYS B 480 11.64 -7.52 -2.78
N THR B 481 10.67 -6.71 -2.32
CA THR B 481 10.23 -6.72 -0.91
C THR B 481 9.65 -8.07 -0.47
N LEU B 482 9.06 -8.83 -1.39
CA LEU B 482 8.58 -10.16 -1.07
C LEU B 482 9.71 -11.11 -0.67
N GLU B 483 10.83 -11.05 -1.40
CA GLU B 483 11.97 -11.88 -1.13
C GLU B 483 12.70 -11.29 0.07
N ARG B 484 12.79 -9.96 0.12
CA ARG B 484 13.31 -9.26 1.29
C ARG B 484 12.67 -9.75 2.58
N ILE B 485 11.35 -9.80 2.64
CA ILE B 485 10.68 -10.23 3.86
C ILE B 485 11.06 -11.67 4.25
N GLU B 486 11.32 -12.53 3.26
CA GLU B 486 11.71 -13.91 3.51
C GLU B 486 13.08 -13.94 4.18
N ILE B 487 14.01 -13.19 3.60
CA ILE B 487 15.36 -13.07 4.12
C ILE B 487 15.38 -12.51 5.57
N ILE B 488 14.56 -11.48 5.81
CA ILE B 488 14.39 -10.87 7.13
C ILE B 488 13.79 -11.85 8.15
N ARG B 489 12.74 -12.59 7.73
CA ARG B 489 12.20 -13.70 8.55
C ARG B 489 13.33 -14.64 8.93
N ASP B 490 14.16 -15.00 7.96
CA ASP B 490 15.31 -15.88 8.22
C ASP B 490 16.36 -15.28 9.13
N LEU B 491 16.52 -13.95 9.09
CA LEU B 491 17.41 -13.29 10.06
C LEU B 491 16.83 -13.43 11.45
N ARG B 492 15.55 -13.04 11.61
CA ARG B 492 14.81 -13.21 12.87
C ARG B 492 14.95 -14.63 13.45
N LEU B 493 14.77 -15.65 12.60
CA LEU B 493 14.97 -17.07 13.00
C LEU B 493 16.41 -17.44 13.40
N GLY B 494 17.39 -16.64 12.97
CA GLY B 494 18.79 -16.97 13.15
C GLY B 494 19.38 -17.89 12.10
N LYS B 495 18.70 -18.05 10.96
CA LYS B 495 19.26 -18.69 9.75
C LYS B 495 20.44 -17.85 9.26
N TYR B 496 20.29 -16.53 9.36
CA TYR B 496 21.37 -15.57 9.27
C TYR B 496 21.56 -14.86 10.58
N ASP B 497 22.81 -14.51 10.87
CA ASP B 497 23.10 -13.61 11.99
C ASP B 497 23.35 -12.16 11.60
N VAL B 498 23.61 -11.91 10.32
CA VAL B 498 23.99 -10.57 9.82
C VAL B 498 23.32 -10.34 8.46
N LEU B 499 22.77 -9.14 8.26
CA LEU B 499 22.39 -8.70 6.93
C LEU B 499 23.30 -7.54 6.54
N VAL B 500 23.85 -7.63 5.34
CA VAL B 500 24.64 -6.55 4.75
C VAL B 500 23.83 -5.95 3.56
N GLY B 501 23.67 -4.64 3.58
CA GLY B 501 22.94 -3.92 2.56
C GLY B 501 23.54 -2.54 2.37
N ILE B 502 23.26 -1.93 1.22
CA ILE B 502 23.62 -0.55 0.99
C ILE B 502 22.55 0.28 1.69
N ASN B 503 21.31 0.10 1.27
CA ASN B 503 20.22 0.79 1.89
C ASN B 503 19.48 -0.12 2.86
N LEU B 504 19.53 0.21 4.15
CA LEU B 504 18.77 -0.57 5.16
C LEU B 504 17.40 0.05 5.45
N LEU B 505 17.07 1.11 4.72
CA LEU B 505 15.79 1.77 4.93
C LEU B 505 14.66 1.15 4.12
N ARG B 506 14.96 0.02 3.50
CA ARG B 506 14.01 -0.69 2.67
C ARG B 506 12.98 -1.40 3.59
N GLU B 507 11.74 -1.45 3.12
CA GLU B 507 10.57 -1.92 3.88
C GLU B 507 10.75 -3.21 4.68
N GLY B 508 10.54 -3.10 5.99
CA GLY B 508 10.45 -4.27 6.89
C GLY B 508 11.69 -4.59 7.72
N LEU B 509 12.56 -3.61 7.89
CA LEU B 509 13.89 -3.85 8.51
C LEU B 509 13.99 -3.48 9.99
N ASP B 510 12.85 -3.20 10.59
CA ASP B 510 12.71 -2.99 12.02
C ASP B 510 12.37 -4.33 12.70
N ILE B 511 13.38 -4.98 13.29
CA ILE B 511 13.26 -6.31 13.90
C ILE B 511 13.93 -6.32 15.29
N PRO B 512 13.23 -6.81 16.31
CA PRO B 512 13.70 -6.75 17.73
C PRO B 512 14.99 -7.50 18.06
N GLU B 513 15.33 -8.50 17.26
CA GLU B 513 16.49 -9.34 17.52
C GLU B 513 17.83 -8.64 17.18
N VAL B 514 17.77 -7.55 16.42
CA VAL B 514 18.96 -6.77 16.05
C VAL B 514 19.48 -5.93 17.21
N SER B 515 20.69 -6.20 17.71
CA SER B 515 21.25 -5.40 18.83
C SER B 515 22.35 -4.43 18.41
N LEU B 516 22.79 -4.57 17.17
CA LEU B 516 23.84 -3.74 16.62
C LEU B 516 23.56 -3.37 15.18
N VAL B 517 23.67 -2.08 14.90
CA VAL B 517 23.66 -1.60 13.53
C VAL B 517 25.01 -0.96 13.26
N ALA B 518 25.70 -1.42 12.22
CA ALA B 518 26.98 -0.80 11.89
C ALA B 518 26.96 -0.03 10.57
N ILE B 519 27.47 1.20 10.64
CA ILE B 519 27.43 2.13 9.52
C ILE B 519 28.83 2.43 9.05
N LEU B 520 29.22 1.77 7.97
CA LEU B 520 30.49 2.01 7.31
C LEU B 520 30.44 3.32 6.56
N ASP B 521 31.56 4.03 6.57
CA ASP B 521 31.69 5.21 5.79
C ASP B 521 30.63 6.24 6.21
N ALA B 522 30.37 6.33 7.52
CA ALA B 522 29.32 7.23 8.04
C ALA B 522 29.51 8.70 7.61
N ASP B 523 30.75 9.05 7.29
CA ASP B 523 31.15 10.43 7.00
C ASP B 523 31.17 10.79 5.53
N LYS B 524 30.60 9.96 4.66
CA LYS B 524 30.63 10.24 3.22
C LYS B 524 29.41 10.98 2.70
N GLU B 525 28.57 11.47 3.61
CA GLU B 525 27.40 12.27 3.24
C GLU B 525 26.57 11.60 2.08
N GLY B 526 26.31 12.31 0.99
CA GLY B 526 25.54 11.75 -0.13
C GLY B 526 24.12 11.52 0.30
N PHE B 527 23.43 10.57 -0.36
CA PHE B 527 22.08 10.19 0.06
C PHE B 527 22.20 9.23 1.28
N LEU B 528 23.08 8.23 1.16
CA LEU B 528 23.18 7.15 2.17
C LEU B 528 23.61 7.62 3.55
N ARG B 529 24.26 8.77 3.62
CA ARG B 529 24.81 9.24 4.90
C ARG B 529 24.33 10.64 5.22
N SER B 530 23.16 10.96 4.69
CA SER B 530 22.46 12.18 5.02
C SER B 530 21.86 12.09 6.42
N GLU B 531 21.42 13.23 6.96
CA GLU B 531 20.84 13.29 8.30
C GLU B 531 19.62 12.36 8.40
N ARG B 532 18.76 12.41 7.38
CA ARG B 532 17.61 11.52 7.20
C ARG B 532 17.95 10.00 7.20
N SER B 533 18.88 9.56 6.34
CA SER B 533 19.34 8.16 6.28
C SER B 533 20.01 7.71 7.57
N LEU B 534 20.77 8.62 8.18
CA LEU B 534 21.44 8.27 9.40
C LEU B 534 20.45 7.99 10.55
N ILE B 535 19.49 8.88 10.75
CA ILE B 535 18.51 8.74 11.84
C ILE B 535 17.62 7.50 11.61
N GLN B 536 17.20 7.27 10.37
CA GLN B 536 16.41 6.07 10.06
C GLN B 536 17.21 4.80 10.28
N THR B 537 18.49 4.83 9.93
CA THR B 537 19.38 3.68 10.12
C THR B 537 19.63 3.46 11.59
N ILE B 538 19.90 4.54 12.32
CA ILE B 538 19.99 4.44 13.77
C ILE B 538 18.75 3.75 14.33
N GLY B 539 17.59 4.13 13.83
CA GLY B 539 16.31 3.61 14.29
C GLY B 539 16.17 2.11 14.33
N ARG B 540 16.90 1.40 13.44
CA ARG B 540 16.84 -0.08 13.35
C ARG B 540 17.36 -0.76 14.59
N ALA B 541 18.17 -0.05 15.38
CA ALA B 541 18.74 -0.56 16.64
C ALA B 541 17.89 -0.19 17.88
N ALA B 542 16.79 0.49 17.67
CA ALA B 542 15.99 0.98 18.79
C ALA B 542 14.87 0.01 19.23
N ARG B 543 14.87 -1.20 18.66
CA ARG B 543 13.82 -2.18 18.94
C ARG B 543 14.32 -3.20 19.98
N ASN B 544 15.52 -2.95 20.50
CA ASN B 544 16.19 -3.88 21.37
C ASN B 544 16.70 -3.12 22.59
N ALA B 545 16.53 -3.74 23.75
CA ALA B 545 16.88 -3.11 25.02
C ALA B 545 18.37 -2.87 25.21
N GLU B 546 19.21 -3.49 24.37
CA GLU B 546 20.66 -3.26 24.37
C GLU B 546 21.18 -2.77 23.03
N GLY B 547 20.27 -2.26 22.20
CA GLY B 547 20.62 -1.68 20.89
C GLY B 547 21.75 -0.65 20.90
N ARG B 548 22.59 -0.73 19.86
CA ARG B 548 23.81 0.06 19.78
C ARG B 548 24.13 0.26 18.32
N VAL B 549 24.64 1.44 18.01
CA VAL B 549 25.11 1.81 16.65
C VAL B 549 26.61 2.11 16.68
N ILE B 550 27.33 1.65 15.66
CA ILE B 550 28.72 2.04 15.46
C ILE B 550 28.82 2.69 14.09
N MET B 551 29.46 3.84 14.05
CA MET B 551 29.65 4.56 12.81
C MET B 551 31.14 4.61 12.62
N TYR B 552 31.63 4.08 11.50
CA TYR B 552 33.04 4.19 11.12
C TYR B 552 33.24 5.42 10.24
N ALA B 553 34.17 6.28 10.65
CA ALA B 553 34.30 7.64 10.11
C ALA B 553 35.59 8.25 10.60
N ASP B 554 36.34 8.93 9.71
CA ASP B 554 37.51 9.70 10.15
C ASP B 554 37.18 11.12 10.60
N LYS B 555 35.97 11.57 10.32
CA LYS B 555 35.51 12.91 10.70
C LYS B 555 34.00 12.95 10.96
N ILE B 556 33.53 14.01 11.63
CA ILE B 556 32.13 14.15 11.98
C ILE B 556 31.47 15.15 11.01
N THR B 557 30.78 14.66 9.98
CA THR B 557 30.10 15.55 9.04
C THR B 557 28.86 16.22 9.64
N LYS B 558 28.39 17.27 8.98
CA LYS B 558 27.18 17.94 9.39
C LYS B 558 26.05 16.95 9.63
N SER B 559 25.87 15.96 8.77
CA SER B 559 24.76 15.01 8.97
C SER B 559 24.99 14.14 10.19
N MET B 560 26.23 13.73 10.43
CA MET B 560 26.54 12.91 11.61
C MET B 560 26.18 13.67 12.89
N GLU B 561 26.58 14.95 12.95
CA GLU B 561 26.31 15.82 14.07
C GLU B 561 24.82 15.93 14.41
N ILE B 562 24.00 16.25 13.42
CA ILE B 562 22.58 16.39 13.69
C ILE B 562 21.97 15.06 14.12
N ALA B 563 22.35 13.98 13.44
CA ALA B 563 21.85 12.65 13.77
C ALA B 563 22.26 12.18 15.15
N ILE B 564 23.55 12.30 15.46
CA ILE B 564 24.08 11.87 16.76
C ILE B 564 23.50 12.73 17.89
N ASN B 565 23.42 14.03 17.66
CA ASN B 565 22.82 14.96 18.61
C ASN B 565 21.36 14.65 18.98
N GLU B 566 20.52 14.50 17.97
CA GLU B 566 19.12 14.14 18.14
C GLU B 566 18.92 12.80 18.82
N THR B 567 19.79 11.83 18.52
CA THR B 567 19.70 10.51 19.12
C THR B 567 19.97 10.59 20.61
N LYS B 568 21.07 11.26 20.95
CA LYS B 568 21.53 11.45 22.33
C LYS B 568 20.57 12.29 23.18
N ARG B 569 19.94 13.29 22.54
CA ARG B 569 18.93 14.13 23.18
C ARG B 569 17.67 13.33 23.53
N ARG B 570 17.14 12.55 22.58
CA ARG B 570 15.97 11.69 22.86
C ARG B 570 16.23 10.64 23.93
N ARG B 571 17.40 9.98 23.86
CA ARG B 571 17.75 8.94 24.83
C ARG B 571 17.75 9.54 26.22
N GLU B 572 18.12 10.81 26.32
CA GLU B 572 18.21 11.45 27.60
C GLU B 572 16.82 11.66 28.21
N GLN B 573 15.91 12.23 27.43
CA GLN B 573 14.55 12.42 27.88
C GLN B 573 13.83 11.11 28.13
N GLN B 574 14.21 10.08 27.37
CA GLN B 574 13.60 8.75 27.48
C GLN B 574 14.01 8.07 28.79
N GLU B 575 15.29 8.16 29.15
CA GLU B 575 15.80 7.63 30.43
C GLU B 575 15.27 8.43 31.62
N ARG B 576 15.06 9.74 31.46
CA ARG B 576 14.39 10.54 32.49
C ARG B 576 12.94 10.10 32.74
N PHE B 577 12.17 10.00 31.67
CA PHE B 577 10.82 9.46 31.76
C PHE B 577 10.85 8.10 32.47
N ASN B 578 11.71 7.19 32.02
CA ASN B 578 11.79 5.85 32.61
C ASN B 578 12.06 5.91 34.11
N GLU B 579 13.10 6.67 34.50
CA GLU B 579 13.44 6.85 35.91
C GLU B 579 12.23 7.39 36.69
N GLU B 580 11.73 8.53 36.25
CA GLU B 580 10.56 9.16 36.87
C GLU B 580 9.28 8.32 36.92
N HIS B 581 9.17 7.32 36.04
CA HIS B 581 7.96 6.48 36.01
C HIS B 581 8.16 5.06 36.51
N GLY B 582 9.38 4.74 36.95
CA GLY B 582 9.67 3.40 37.46
C GLY B 582 9.72 2.31 36.40
N ILE B 583 10.08 2.68 35.18
CA ILE B 583 10.06 1.78 34.05
C ILE B 583 11.43 1.20 33.77
N THR B 584 11.49 -0.10 33.47
CA THR B 584 12.70 -0.77 32.98
C THR B 584 12.52 -1.18 31.52
N PRO B 585 13.38 -0.65 30.62
CA PRO B 585 13.35 -0.95 29.19
C PRO B 585 13.40 -2.45 28.91
N LYS B 586 12.48 -2.92 28.09
CA LYS B 586 12.38 -4.32 27.72
C LYS B 586 11.99 -4.40 26.26
N THR B 587 12.71 -5.27 25.54
CA THR B 587 12.47 -5.55 24.13
C THR B 587 11.04 -6.10 23.94
N ILE B 588 10.33 -5.59 22.93
CA ILE B 588 9.04 -6.17 22.50
C ILE B 588 9.27 -7.30 21.48
N ASN B 589 8.70 -8.48 21.73
CA ASN B 589 8.71 -9.59 20.75
C ASN B 589 7.65 -10.68 21.06
N LYS B 621 30.32 -26.92 -2.70
CA LYS B 621 29.73 -25.75 -2.05
C LYS B 621 28.82 -24.96 -3.00
N LYS B 622 29.16 -24.95 -4.29
CA LYS B 622 28.28 -24.42 -5.34
C LYS B 622 27.16 -25.41 -5.65
N GLU B 623 27.51 -26.70 -5.65
CA GLU B 623 26.55 -27.78 -5.83
C GLU B 623 25.53 -27.82 -4.69
N ARG B 624 26.04 -27.76 -3.46
CA ARG B 624 25.19 -27.66 -2.25
C ARG B 624 24.23 -26.49 -2.39
N GLN B 625 24.76 -25.36 -2.88
CA GLN B 625 23.99 -24.13 -3.08
C GLN B 625 22.76 -24.29 -4.01
N LYS B 626 22.93 -24.93 -5.16
CA LYS B 626 21.81 -25.13 -6.10
C LYS B 626 20.76 -26.16 -5.59
N VAL B 627 21.23 -27.18 -4.86
CA VAL B 627 20.36 -28.19 -4.25
C VAL B 627 19.45 -27.56 -3.17
N VAL B 628 20.06 -26.69 -2.36
CA VAL B 628 19.36 -26.02 -1.28
C VAL B 628 18.29 -25.05 -1.82
N GLU B 629 18.65 -24.27 -2.85
CA GLU B 629 17.68 -23.37 -3.52
C GLU B 629 16.49 -24.10 -4.18
N GLN B 630 16.69 -25.32 -4.68
CA GLN B 630 15.59 -26.11 -5.28
C GLN B 630 14.65 -26.74 -4.24
N MET B 631 15.23 -27.32 -3.18
CA MET B 631 14.48 -27.89 -2.06
C MET B 631 13.71 -26.83 -1.27
N GLU B 632 14.25 -25.61 -1.24
CA GLU B 632 13.61 -24.46 -0.57
C GLU B 632 12.38 -23.99 -1.31
N HIS B 633 12.52 -23.89 -2.63
CA HIS B 633 11.39 -23.61 -3.49
C HIS B 633 10.33 -24.69 -3.27
N GLU B 634 10.78 -25.95 -3.18
CA GLU B 634 9.86 -27.07 -3.03
C GLU B 634 9.15 -27.00 -1.67
N MET B 635 9.92 -26.68 -0.63
CA MET B 635 9.41 -26.53 0.73
C MET B 635 8.35 -25.43 0.81
N LYS B 636 8.66 -24.30 0.17
CA LYS B 636 7.76 -23.16 0.06
C LYS B 636 6.48 -23.47 -0.73
N GLU B 637 6.62 -24.12 -1.87
CA GLU B 637 5.44 -24.61 -2.62
C GLU B 637 4.55 -25.55 -1.80
N ALA B 638 5.18 -26.47 -1.06
CA ALA B 638 4.44 -27.43 -0.28
C ALA B 638 3.72 -26.71 0.86
N ALA B 639 4.31 -25.64 1.37
CA ALA B 639 3.67 -24.81 2.39
C ALA B 639 2.44 -24.05 1.85
N LYS B 640 2.52 -23.43 0.68
CA LYS B 640 1.35 -22.79 0.07
C LYS B 640 0.21 -23.76 -0.12
N ALA B 641 0.55 -24.99 -0.50
CA ALA B 641 -0.43 -26.06 -0.73
C ALA B 641 -0.96 -26.61 0.59
N LEU B 642 -0.40 -26.15 1.71
CA LEU B 642 -0.74 -26.61 3.06
C LEU B 642 -0.36 -28.07 3.30
N ASP B 643 0.54 -28.62 2.47
CA ASP B 643 1.11 -29.96 2.67
C ASP B 643 2.26 -29.73 3.63
N PHE B 644 1.90 -29.47 4.88
CA PHE B 644 2.88 -29.12 5.88
C PHE B 644 3.81 -30.30 6.20
N GLU B 645 3.33 -31.54 6.04
CA GLU B 645 4.16 -32.75 6.19
C GLU B 645 5.29 -32.84 5.18
N ARG B 646 4.99 -32.57 3.92
CA ARG B 646 6.02 -32.50 2.87
C ARG B 646 7.01 -31.33 3.05
N ALA B 647 6.50 -30.18 3.49
CA ALA B 647 7.36 -29.05 3.81
C ALA B 647 8.27 -29.38 5.02
N ALA B 648 7.78 -30.14 6.00
CA ALA B 648 8.62 -30.64 7.09
C ALA B 648 9.72 -31.58 6.59
N GLU B 649 9.35 -32.57 5.77
CA GLU B 649 10.29 -33.52 5.17
C GLU B 649 11.44 -32.73 4.53
N LEU B 650 11.09 -31.69 3.76
CA LEU B 650 12.06 -30.84 3.06
C LEU B 650 12.97 -29.97 3.97
N ARG B 651 12.38 -29.33 4.98
CA ARG B 651 13.14 -28.67 6.06
C ARG B 651 14.18 -29.59 6.74
N ASP B 652 13.74 -30.79 7.11
CA ASP B 652 14.62 -31.80 7.70
C ASP B 652 15.68 -32.27 6.71
N LEU B 653 15.31 -32.39 5.43
CA LEU B 653 16.26 -32.64 4.37
C LEU B 653 17.29 -31.53 4.34
N LEU B 654 16.80 -30.30 4.35
CA LEU B 654 17.66 -29.13 4.30
C LEU B 654 18.55 -29.05 5.54
N LYS C 1 -19.92 -12.38 11.18
CA LYS C 1 -18.51 -11.91 11.14
C LYS C 1 -17.62 -12.56 12.21
N GLU C 2 -18.19 -12.99 13.35
CA GLU C 2 -17.35 -13.51 14.46
C GLU C 2 -16.69 -14.88 14.19
N ARG C 3 -17.47 -15.82 13.63
CA ARG C 3 -16.93 -17.09 13.11
C ARG C 3 -15.82 -16.80 12.12
N GLN C 4 -16.18 -16.05 11.08
CA GLN C 4 -15.26 -15.73 9.99
C GLN C 4 -14.00 -15.04 10.50
N LYS C 5 -14.14 -14.17 11.50
CA LYS C 5 -13.00 -13.57 12.22
C LYS C 5 -12.03 -14.59 12.80
N VAL C 6 -12.55 -15.63 13.45
CA VAL C 6 -11.68 -16.65 14.06
C VAL C 6 -11.04 -17.52 12.99
N VAL C 7 -11.84 -17.93 12.00
CA VAL C 7 -11.34 -18.68 10.87
C VAL C 7 -10.22 -17.89 10.20
N GLU C 8 -10.49 -16.64 9.85
CA GLU C 8 -9.51 -15.80 9.18
C GLU C 8 -8.28 -15.57 10.03
N GLN C 9 -8.46 -15.46 11.34
CA GLN C 9 -7.33 -15.42 12.27
C GLN C 9 -6.51 -16.73 12.33
N MET C 10 -7.18 -17.88 12.41
CA MET C 10 -6.53 -19.20 12.40
C MET C 10 -5.59 -19.40 11.19
N GLU C 11 -6.03 -18.89 10.05
CA GLU C 11 -5.30 -18.97 8.78
C GLU C 11 -4.01 -18.16 8.82
N HIS C 12 -4.14 -16.89 9.22
CA HIS C 12 -2.96 -16.07 9.47
C HIS C 12 -1.94 -16.86 10.30
N GLU C 13 -2.42 -17.46 11.37
CA GLU C 13 -1.53 -18.09 12.34
C GLU C 13 -0.87 -19.34 11.75
N MET C 14 -1.60 -20.01 10.88
CA MET C 14 -1.15 -21.20 10.15
C MET C 14 -0.02 -20.84 9.15
N LYS C 15 -0.23 -19.78 8.37
CA LYS C 15 0.80 -19.24 7.47
C LYS C 15 2.03 -18.73 8.23
N GLU C 16 1.81 -18.23 9.44
CA GLU C 16 2.89 -17.74 10.25
C GLU C 16 3.71 -18.88 10.83
N ALA C 17 3.04 -19.96 11.27
CA ALA C 17 3.73 -21.12 11.82
C ALA C 17 4.64 -21.67 10.72
N ALA C 18 4.11 -21.68 9.50
CA ALA C 18 4.74 -22.23 8.32
C ALA C 18 6.00 -21.42 7.96
N LYS C 19 5.87 -20.10 7.94
CA LYS C 19 7.01 -19.18 7.81
C LYS C 19 8.10 -19.29 8.94
N ALA C 20 7.72 -19.69 10.15
CA ALA C 20 8.71 -20.05 11.19
C ALA C 20 9.32 -21.43 10.96
N LEU C 21 8.81 -22.16 9.96
CA LEU C 21 9.13 -23.55 9.68
C LEU C 21 8.53 -24.49 10.74
N ASP C 22 7.58 -23.97 11.51
CA ASP C 22 6.90 -24.76 12.53
C ASP C 22 5.74 -25.43 11.83
N PHE C 23 6.09 -26.42 11.00
CA PHE C 23 5.11 -27.05 10.12
C PHE C 23 4.21 -27.98 10.94
N GLU C 24 4.69 -28.40 12.12
CA GLU C 24 3.92 -29.21 13.04
C GLU C 24 2.70 -28.42 13.55
N ARG C 25 2.92 -27.20 14.05
CA ARG C 25 1.81 -26.30 14.43
C ARG C 25 0.91 -26.01 13.23
N ALA C 26 1.49 -25.63 12.09
CA ALA C 26 0.72 -25.32 10.87
C ALA C 26 -0.26 -26.44 10.48
N ALA C 27 0.18 -27.69 10.56
CA ALA C 27 -0.68 -28.86 10.28
C ALA C 27 -1.79 -29.03 11.30
N GLU C 28 -1.46 -28.83 12.58
CA GLU C 28 -2.45 -28.88 13.64
C GLU C 28 -3.56 -27.86 13.34
N LEU C 29 -3.16 -26.65 12.98
CA LEU C 29 -4.09 -25.61 12.55
C LEU C 29 -4.87 -25.89 11.27
N ARG C 30 -4.25 -26.52 10.29
CA ARG C 30 -4.93 -26.82 9.03
C ARG C 30 -6.07 -27.79 9.26
N ASP C 31 -5.81 -28.77 10.13
CA ASP C 31 -6.75 -29.86 10.39
C ASP C 31 -7.99 -29.36 11.15
N LEU C 32 -7.76 -28.54 12.18
CA LEU C 32 -8.83 -27.81 12.85
C LEU C 32 -9.64 -26.98 11.87
N LEU C 33 -8.96 -26.24 10.98
CA LEU C 33 -9.65 -25.41 9.98
C LEU C 33 -10.58 -26.20 9.06
N LEU C 34 -10.15 -27.38 8.65
CA LEU C 34 -10.93 -28.25 7.77
C LEU C 34 -12.18 -28.76 8.45
N GLU C 35 -12.08 -29.04 9.76
CA GLU C 35 -13.24 -29.51 10.54
C GLU C 35 -14.29 -28.40 10.61
N LEU C 36 -13.83 -27.16 10.74
CA LEU C 36 -14.72 -26.01 10.87
C LEU C 36 -15.39 -25.62 9.58
N LYS C 37 -14.69 -25.84 8.46
CA LYS C 37 -15.26 -25.62 7.13
C LYS C 37 -16.35 -26.65 6.85
N ALA C 38 -16.20 -27.86 7.40
CA ALA C 38 -17.15 -28.95 7.17
C ALA C 38 -18.50 -28.74 7.87
#